data_6L7M
#
_entry.id   6L7M
#
_cell.length_a   96.010
_cell.length_b   116.320
_cell.length_c   130.190
_cell.angle_alpha   90.000
_cell.angle_beta   90.000
_cell.angle_gamma   90.000
#
_symmetry.space_group_name_H-M   'P 21 21 21'
#
loop_
_entity.id
_entity.type
_entity.pdbx_description
1 polymer 'AB hydrolase-1 domain-containing protein'
2 water water
#
_entity_poly.entity_id   1
_entity_poly.type   'polypeptide(L)'
_entity_poly.pdbx_seq_one_letter_code
;MRTRSTLTDKNGITWYYEQEGSGPHVVLIPDGLGECHMMDKPMSMIAGMGFTCTTFDMPGFSRSWDAPPETYQDVTAQKL
ASYVISILDELHIDYATFWGCSSGGATVLALAADYPERMRNGLPHEVPTAAGPHFGQLLKLAEMEDEAIVKMLGEEMPKL
GFGHDFTAWHELGEEAHARMRKNYPRWARGYPHTLPLSSPTGKEDLIKRPLDWTVGGDTPTRMFFDNIVTASKAGIPIAT
LPGMHFPYVSHPEVLVKHIVDTTRKYL
;
_entity_poly.pdbx_strand_id   A,B,C,D
#
# COMPACT_ATOMS: atom_id res chain seq x y z
N MET A 1 31.35 10.39 24.46
CA MET A 1 31.00 10.68 23.07
C MET A 1 29.97 11.81 22.97
N ARG A 2 28.71 11.44 22.75
CA ARG A 2 27.61 12.40 22.82
C ARG A 2 27.50 13.00 24.21
N THR A 3 27.44 14.32 24.26
CA THR A 3 27.20 15.07 25.49
C THR A 3 25.85 15.77 25.40
N ARG A 4 25.15 15.84 26.53
CA ARG A 4 23.85 16.49 26.63
C ARG A 4 23.89 17.47 27.78
N SER A 5 23.13 18.56 27.66
CA SER A 5 22.98 19.46 28.80
C SER A 5 21.81 20.39 28.56
N THR A 6 21.55 21.25 29.54
CA THR A 6 20.51 22.27 29.48
C THR A 6 21.13 23.63 29.82
N LEU A 7 20.60 24.67 29.19
CA LEU A 7 21.09 26.03 29.39
C LEU A 7 20.06 27.06 28.95
N THR A 8 20.15 28.25 29.54
CA THR A 8 19.22 29.35 29.33
C THR A 8 19.87 30.52 28.57
N ASP A 9 19.06 31.08 27.68
CA ASP A 9 19.34 32.26 26.83
C ASP A 9 18.66 33.51 27.43
N LYS A 10 19.14 34.72 27.13
CA LYS A 10 18.57 35.96 27.69
C LYS A 10 17.09 36.00 27.31
N ASN A 11 16.71 35.26 26.28
CA ASN A 11 15.31 35.26 25.88
C ASN A 11 14.40 34.61 26.93
N GLY A 12 14.95 33.80 27.82
CA GLY A 12 14.15 33.00 28.73
C GLY A 12 13.93 31.57 28.30
N ILE A 13 14.55 31.13 27.21
CA ILE A 13 14.40 29.76 26.75
C ILE A 13 15.32 28.86 27.55
N THR A 14 14.77 27.76 28.06
CA THR A 14 15.56 26.72 28.71
C THR A 14 15.80 25.63 27.67
N TRP A 15 16.92 25.74 26.97
CA TRP A 15 17.29 24.80 25.92
C TRP A 15 17.80 23.49 26.49
N TYR A 16 17.45 22.40 25.82
CA TYR A 16 18.17 21.15 25.88
C TYR A 16 19.01 21.03 24.61
N TYR A 17 20.27 20.65 24.76
CA TYR A 17 21.16 20.56 23.60
C TYR A 17 22.03 19.31 23.71
N GLU A 18 22.53 18.90 22.55
CA GLU A 18 23.44 17.77 22.41
C GLU A 18 24.58 18.15 21.48
N GLN A 19 25.77 17.63 21.78
CA GLN A 19 26.95 17.85 20.97
C GLN A 19 27.74 16.54 20.86
N GLU A 20 28.46 16.39 19.75
CA GLU A 20 29.29 15.20 19.58
C GLU A 20 30.39 15.49 18.57
N GLY A 21 31.60 15.06 18.90
CA GLY A 21 32.73 15.17 17.98
C GLY A 21 33.54 16.43 18.17
N SER A 22 34.52 16.59 17.28
CA SER A 22 35.41 17.74 17.30
C SER A 22 35.77 18.12 15.88
N GLY A 23 36.14 19.39 15.71
CA GLY A 23 36.44 19.93 14.40
C GLY A 23 35.59 21.14 14.08
N PRO A 24 35.43 21.45 12.80
CA PRO A 24 34.53 22.55 12.43
C PRO A 24 33.11 22.27 12.87
N HIS A 25 32.38 23.34 13.20
CA HIS A 25 31.05 23.25 13.80
C HIS A 25 29.98 23.01 12.73
N VAL A 26 29.11 22.03 12.97
CA VAL A 26 27.91 21.82 12.18
C VAL A 26 26.70 21.87 13.11
N VAL A 27 25.72 22.69 12.77
CA VAL A 27 24.52 22.88 13.57
C VAL A 27 23.33 22.32 12.82
N LEU A 28 22.64 21.38 13.45
CA LEU A 28 21.44 20.73 12.89
C LEU A 28 20.16 21.29 13.52
N ILE A 29 19.51 22.21 12.84
CA ILE A 29 18.24 22.80 13.32
C ILE A 29 17.13 21.82 12.98
N PRO A 30 16.30 21.40 13.94
CA PRO A 30 15.18 20.53 13.67
C PRO A 30 14.09 21.15 12.80
N ASP A 31 13.15 20.31 12.37
CA ASP A 31 11.97 20.80 11.66
C ASP A 31 10.98 21.37 12.72
N GLY A 32 9.79 21.68 12.27
CA GLY A 32 8.79 22.30 13.13
C GLY A 32 8.50 21.51 14.39
N LEU A 33 8.59 20.18 14.33
CA LEU A 33 8.34 19.36 15.51
C LEU A 33 9.38 19.62 16.61
N GLY A 34 10.53 20.17 16.27
CA GLY A 34 11.50 20.60 17.27
C GLY A 34 12.11 19.48 18.09
N GLU A 35 12.13 18.26 17.58
CA GLU A 35 12.64 17.11 18.30
C GLU A 35 13.99 16.72 17.71
N CYS A 36 15.07 17.02 18.43
CA CYS A 36 16.41 16.79 17.91
C CYS A 36 16.84 15.33 17.95
N HIS A 37 16.09 14.46 18.63
CA HIS A 37 16.40 13.03 18.58
C HIS A 37 16.26 12.47 17.17
N MET A 38 15.55 13.16 16.29
CA MET A 38 15.51 12.77 14.88
C MET A 38 16.90 12.77 14.26
N MET A 39 17.86 13.50 14.84
CA MET A 39 19.23 13.51 14.36
C MET A 39 20.11 12.46 15.05
N ASP A 40 19.53 11.65 15.93
CA ASP A 40 20.34 10.75 16.76
C ASP A 40 21.20 9.82 15.93
N LYS A 41 20.63 9.20 14.91
CA LYS A 41 21.39 8.27 14.08
C LYS A 41 22.41 8.97 13.17
N PRO A 42 22.06 10.08 12.50
CA PRO A 42 23.07 10.73 11.63
C PRO A 42 24.29 11.29 12.36
N MET A 43 24.11 11.83 13.56
CA MET A 43 25.14 12.68 14.17
C MET A 43 26.47 11.95 14.31
N SER A 44 26.45 10.73 14.87
CA SER A 44 27.69 9.96 14.99
C SER A 44 28.39 9.83 13.64
N MET A 45 27.61 9.55 12.59
CA MET A 45 28.20 9.44 11.26
C MET A 45 28.82 10.76 10.80
N ILE A 46 28.19 11.89 11.16
CA ILE A 46 28.75 13.20 10.79
C ILE A 46 29.99 13.49 11.61
N ALA A 47 29.89 13.31 12.94
CA ALA A 47 31.01 13.63 13.82
C ALA A 47 32.25 12.81 13.48
N GLY A 48 32.06 11.55 13.07
CA GLY A 48 33.17 10.71 12.71
C GLY A 48 33.99 11.22 11.54
N MET A 49 33.42 12.13 10.74
CA MET A 49 34.14 12.71 9.61
C MET A 49 34.98 13.92 10.00
N GLY A 50 35.16 14.17 11.30
CA GLY A 50 36.00 15.26 11.75
C GLY A 50 35.25 16.56 11.95
N PHE A 51 34.04 16.48 12.50
CA PHE A 51 33.24 17.66 12.78
C PHE A 51 32.66 17.56 14.18
N THR A 52 32.50 18.72 14.81
CA THR A 52 31.71 18.81 16.03
C THR A 52 30.28 19.20 15.64
N CYS A 53 29.35 18.29 15.91
CA CYS A 53 27.95 18.46 15.55
C CYS A 53 27.16 18.87 16.78
N THR A 54 26.33 19.90 16.62
CA THR A 54 25.48 20.42 17.69
C THR A 54 24.03 20.41 17.24
N THR A 55 23.14 19.98 18.12
CA THR A 55 21.71 20.08 17.88
C THR A 55 21.01 20.41 19.19
N PHE A 56 19.70 20.66 19.10
CA PHE A 56 18.93 21.10 20.26
C PHE A 56 17.45 20.96 19.94
N ASP A 57 16.64 20.82 20.98
CA ASP A 57 15.20 20.92 20.83
C ASP A 57 14.81 22.38 20.67
N MET A 58 13.81 22.63 19.83
CA MET A 58 13.40 24.00 19.54
C MET A 58 12.59 24.57 20.70
N PRO A 59 12.56 25.90 20.84
CA PRO A 59 11.87 26.52 21.97
C PRO A 59 10.40 26.10 22.08
N GLY A 60 10.02 25.66 23.28
CA GLY A 60 8.66 25.21 23.52
C GLY A 60 8.39 23.77 23.16
N PHE A 61 9.38 23.05 22.64
CA PHE A 61 9.19 21.70 22.15
C PHE A 61 10.12 20.73 22.87
N SER A 62 9.61 19.52 23.12
CA SER A 62 10.34 18.40 23.70
C SER A 62 11.04 18.85 24.99
N ARG A 63 12.36 18.66 25.13
CA ARG A 63 13.09 18.99 26.36
C ARG A 63 13.44 20.47 26.44
N SER A 64 13.10 21.25 25.41
CA SER A 64 13.16 22.71 25.44
C SER A 64 11.80 23.31 25.78
N TRP A 65 10.98 22.52 26.47
CA TRP A 65 9.58 22.87 26.71
C TRP A 65 9.42 24.09 27.61
N ASP A 66 10.36 24.32 28.53
CA ASP A 66 10.32 25.48 29.41
C ASP A 66 10.79 26.71 28.66
N ALA A 67 9.86 27.40 28.02
CA ALA A 67 10.18 28.57 27.20
C ALA A 67 9.00 29.51 27.24
N PRO A 68 9.22 30.81 27.07
CA PRO A 68 8.10 31.77 27.05
C PRO A 68 7.22 31.57 25.84
N PRO A 69 5.91 31.78 25.98
CA PRO A 69 5.00 31.53 24.85
C PRO A 69 5.34 32.28 23.58
N GLU A 70 5.94 33.48 23.68
CA GLU A 70 6.26 34.25 22.49
C GLU A 70 7.29 33.55 21.60
N THR A 71 8.08 32.63 22.15
CA THR A 71 9.07 31.92 21.36
C THR A 71 8.49 30.77 20.54
N TYR A 72 7.24 30.36 20.81
CA TYR A 72 6.60 29.32 20.02
C TYR A 72 5.19 29.70 19.58
N GLN A 73 4.85 30.98 19.65
CA GLN A 73 3.62 31.53 19.09
C GLN A 73 3.98 32.64 18.12
N ASP A 74 3.19 32.75 17.04
CA ASP A 74 3.44 33.74 15.98
C ASP A 74 4.88 33.63 15.47
N VAL A 75 5.32 32.40 15.24
CA VAL A 75 6.72 32.14 14.93
C VAL A 75 7.05 32.60 13.53
N THR A 76 8.21 33.26 13.38
CA THR A 76 8.73 33.66 12.09
C THR A 76 10.14 33.12 11.93
N ALA A 77 10.60 33.06 10.66
CA ALA A 77 11.96 32.65 10.39
C ALA A 77 12.98 33.55 11.07
N GLN A 78 12.69 34.85 11.15
CA GLN A 78 13.61 35.80 11.78
C GLN A 78 13.74 35.53 13.27
N LYS A 79 12.60 35.33 13.96
CA LYS A 79 12.64 35.04 15.39
C LYS A 79 13.38 33.73 15.66
N LEU A 80 13.12 32.70 14.85
CA LEU A 80 13.81 31.44 15.02
C LEU A 80 15.30 31.59 14.81
N ALA A 81 15.69 32.40 13.82
CA ALA A 81 17.11 32.66 13.59
C ALA A 81 17.75 33.34 14.79
N SER A 82 17.03 34.30 15.39
CA SER A 82 17.55 34.96 16.58
C SER A 82 17.71 33.97 17.74
N TYR A 83 16.75 33.07 17.92
CA TYR A 83 16.87 32.07 18.98
C TYR A 83 18.06 31.15 18.74
N VAL A 84 18.23 30.70 17.50
CA VAL A 84 19.35 29.83 17.15
C VAL A 84 20.67 30.54 17.40
N ILE A 85 20.75 31.82 17.03
CA ILE A 85 21.95 32.61 17.31
C ILE A 85 22.22 32.67 18.81
N SER A 86 21.17 32.84 19.62
CA SER A 86 21.35 32.92 21.07
C SER A 86 21.93 31.61 21.64
N ILE A 87 21.27 30.49 21.36
CA ILE A 87 21.75 29.22 21.91
C ILE A 87 23.13 28.93 21.40
N LEU A 88 23.38 29.34 20.17
CA LEU A 88 24.61 29.04 19.49
C LEU A 88 25.76 29.87 20.04
N ASP A 89 25.48 31.12 20.38
CA ASP A 89 26.43 31.99 21.07
C ASP A 89 26.77 31.44 22.44
N GLU A 90 25.73 31.05 23.18
CA GLU A 90 25.97 30.53 24.53
C GLU A 90 26.81 29.26 24.52
N LEU A 91 26.71 28.46 23.45
CA LEU A 91 27.51 27.26 23.31
C LEU A 91 28.94 27.54 22.86
N HIS A 92 29.36 28.80 22.86
CA HIS A 92 30.70 29.21 22.43
C HIS A 92 31.02 28.66 21.04
N ILE A 93 30.05 28.79 20.13
CA ILE A 93 30.26 28.58 18.71
C ILE A 93 30.37 29.92 18.00
N ASP A 94 31.42 30.09 17.21
CA ASP A 94 31.66 31.33 16.49
C ASP A 94 31.02 31.33 15.11
N TYR A 95 31.24 30.26 14.35
CA TYR A 95 30.96 30.23 12.93
C TYR A 95 30.70 28.77 12.56
N ALA A 96 29.69 28.51 11.72
CA ALA A 96 29.27 27.13 11.57
C ALA A 96 28.53 26.90 10.25
N THR A 97 28.49 25.63 9.86
CA THR A 97 27.59 25.13 8.83
C THR A 97 26.22 24.85 9.44
N PHE A 98 25.16 25.29 8.76
CA PHE A 98 23.80 25.13 9.28
C PHE A 98 22.95 24.25 8.37
N TRP A 99 22.36 23.21 8.93
CA TRP A 99 21.33 22.43 8.27
C TRP A 99 19.97 22.76 8.87
N GLY A 100 18.96 22.81 8.01
CA GLY A 100 17.60 22.99 8.48
C GLY A 100 16.57 22.49 7.49
N CYS A 101 15.54 21.81 7.97
CA CYS A 101 14.43 21.38 7.14
C CYS A 101 13.16 22.08 7.59
N SER A 102 12.29 22.38 6.61
CA SER A 102 10.97 22.98 6.85
C SER A 102 11.18 24.32 7.54
N SER A 103 10.56 24.57 8.71
CA SER A 103 10.78 25.83 9.40
C SER A 103 12.25 26.03 9.73
N GLY A 104 12.93 24.96 10.13
CA GLY A 104 14.37 25.04 10.32
C GLY A 104 15.09 25.51 9.07
N GLY A 105 14.68 24.99 7.91
CA GLY A 105 15.22 25.50 6.66
C GLY A 105 14.94 26.98 6.48
N ALA A 106 13.71 27.41 6.80
CA ALA A 106 13.42 28.83 6.81
C ALA A 106 14.39 29.57 7.71
N THR A 107 14.63 29.02 8.91
CA THR A 107 15.61 29.60 9.82
C THR A 107 16.96 29.72 9.13
N VAL A 108 17.39 28.64 8.45
CA VAL A 108 18.67 28.67 7.75
C VAL A 108 18.70 29.85 6.78
N LEU A 109 17.63 30.02 6.00
CA LEU A 109 17.60 31.15 5.07
C LEU A 109 17.69 32.46 5.83
N ALA A 110 16.93 32.59 6.92
CA ALA A 110 17.00 33.80 7.74
C ALA A 110 18.39 33.99 8.31
N LEU A 111 19.10 32.89 8.59
CA LEU A 111 20.48 33.03 9.06
C LEU A 111 21.39 33.52 7.94
N ALA A 112 21.20 33.01 6.72
CA ALA A 112 22.02 33.48 5.60
C ALA A 112 21.74 34.95 5.30
N ALA A 113 20.47 35.35 5.40
CA ALA A 113 20.09 36.71 5.03
C ALA A 113 20.57 37.73 6.06
N ASP A 114 20.46 37.38 7.35
CA ASP A 114 20.60 38.38 8.41
C ASP A 114 21.80 38.19 9.32
N TYR A 115 22.46 37.04 9.32
CA TYR A 115 23.68 36.84 10.12
C TYR A 115 24.79 36.19 9.31
N PRO A 116 25.05 36.67 8.08
CA PRO A 116 25.96 35.92 7.19
C PRO A 116 27.34 35.69 7.76
N GLU A 117 27.81 36.57 8.65
CA GLU A 117 29.12 36.41 9.27
C GLU A 117 29.23 35.12 10.09
N ARG A 118 28.10 34.54 10.50
CA ARG A 118 28.11 33.35 11.35
C ARG A 118 28.02 32.05 10.55
N MET A 119 27.82 32.09 9.24
CA MET A 119 27.59 30.89 8.44
C MET A 119 28.78 30.60 7.54
N ARG A 120 29.33 29.39 7.68
CA ARG A 120 30.24 28.88 6.67
C ARG A 120 29.46 28.52 5.40
N ASN A 121 28.40 27.73 5.56
CA ASN A 121 27.52 27.38 4.45
C ASN A 121 26.20 26.86 5.01
N GLY A 122 25.17 26.97 4.19
CA GLY A 122 23.81 26.68 4.61
C GLY A 122 23.22 25.55 3.76
N LEU A 123 22.41 24.71 4.41
CA LEU A 123 21.73 23.59 3.76
C LEU A 123 20.27 23.62 4.19
N PRO A 124 19.37 24.15 3.34
CA PRO A 124 17.94 24.08 3.66
C PRO A 124 17.24 23.00 2.87
N HIS A 125 16.21 22.43 3.46
CA HIS A 125 15.48 21.31 2.89
C HIS A 125 13.99 21.59 2.98
N GLU A 126 13.33 21.64 1.82
CA GLU A 126 11.88 21.70 1.73
C GLU A 126 11.33 22.83 2.61
N VAL A 127 11.64 24.05 2.19
CA VAL A 127 11.23 25.24 2.94
C VAL A 127 9.79 25.57 2.58
N PRO A 128 8.90 25.71 3.57
CA PRO A 128 7.52 26.12 3.26
C PRO A 128 7.46 27.61 2.94
N THR A 129 6.87 27.94 1.79
CA THR A 129 6.78 29.31 1.35
C THR A 129 5.35 29.75 1.00
N ALA A 130 4.37 28.87 1.12
CA ALA A 130 3.00 29.20 0.78
C ALA A 130 2.05 28.72 1.87
N ALA A 131 0.88 29.36 1.96
CA ALA A 131 -0.15 29.06 2.99
C ALA A 131 -0.84 27.74 2.69
N GLY A 132 -0.44 26.68 3.36
CA GLY A 132 -1.03 25.37 3.25
C GLY A 132 -0.14 24.20 2.85
N PRO A 133 0.97 24.44 1.96
CA PRO A 133 2.24 23.61 1.19
C PRO A 133 3.34 23.13 2.15
N HIS A 134 3.05 22.13 3.01
CA HIS A 134 4.03 21.52 3.96
C HIS A 134 3.83 20.01 4.04
N PHE A 135 2.59 19.55 3.83
CA PHE A 135 2.25 18.09 3.87
C PHE A 135 1.26 17.79 2.74
N GLY A 136 0.07 18.42 2.79
CA GLY A 136 -0.96 18.22 1.76
C GLY A 136 -2.01 19.32 1.79
N GLN A 137 -2.92 19.28 2.77
CA GLN A 137 -3.99 20.30 2.90
C GLN A 137 -3.61 21.32 3.98
N LEU A 138 -4.46 22.33 4.19
CA LEU A 138 -4.21 23.36 5.18
C LEU A 138 -4.04 22.87 6.60
N LEU A 139 -2.78 22.91 7.07
CA LEU A 139 -2.47 22.81 8.49
C LEU A 139 -2.94 24.04 9.24
N LYS A 140 -3.05 25.17 8.54
CA LYS A 140 -3.43 26.47 9.11
C LYS A 140 -4.84 26.49 9.70
N LEU A 141 -5.58 25.39 9.56
CA LEU A 141 -6.87 25.26 10.23
C LEU A 141 -6.80 24.36 11.46
N ALA A 142 -5.75 23.53 11.56
CA ALA A 142 -5.64 22.56 12.63
C ALA A 142 -5.70 23.21 14.01
N GLU A 143 -5.33 24.50 14.10
CA GLU A 143 -5.34 25.17 15.39
C GLU A 143 -6.73 25.24 16.00
N MET A 144 -7.78 25.12 15.19
CA MET A 144 -9.13 25.20 15.72
C MET A 144 -9.54 23.95 16.48
N GLU A 145 -8.82 22.85 16.32
CA GLU A 145 -9.22 21.61 16.94
C GLU A 145 -8.70 21.52 18.38
N ASP A 146 -9.23 20.55 19.12
CA ASP A 146 -8.73 20.30 20.45
C ASP A 146 -7.39 19.59 20.36
N GLU A 147 -6.61 19.71 21.44
CA GLU A 147 -5.22 19.28 21.40
C GLU A 147 -5.09 17.81 21.04
N ALA A 148 -5.86 16.95 21.70
CA ALA A 148 -5.75 15.51 21.46
C ALA A 148 -5.98 15.16 19.99
N ILE A 149 -7.01 15.74 19.38
CA ILE A 149 -7.27 15.42 17.97
C ILE A 149 -6.25 16.08 17.05
N VAL A 150 -5.69 17.24 17.45
CA VAL A 150 -4.60 17.82 16.66
C VAL A 150 -3.42 16.85 16.61
N LYS A 151 -2.98 16.39 17.79
CA LYS A 151 -1.90 15.42 17.85
C LYS A 151 -2.27 14.15 17.12
N MET A 152 -3.55 13.82 17.06
CA MET A 152 -3.92 12.54 16.49
C MET A 152 -3.94 12.60 14.96
N LEU A 153 -4.37 13.74 14.40
CA LEU A 153 -4.35 13.99 12.92
C LEU A 153 -2.89 14.08 12.49
N GLY A 154 -2.03 14.65 13.31
CA GLY A 154 -0.60 14.84 13.00
C GLY A 154 0.23 13.57 13.13
N GLU A 155 -0.09 12.72 14.06
CA GLU A 155 0.82 11.59 14.28
C GLU A 155 0.25 10.51 13.37
N GLU A 156 -1.02 10.68 12.98
CA GLU A 156 -1.59 9.73 12.03
C GLU A 156 -1.16 9.98 10.59
N MET A 157 -0.74 11.20 10.25
CA MET A 157 -0.33 11.55 8.88
C MET A 157 1.13 11.27 8.53
N PRO A 158 2.19 11.75 9.35
CA PRO A 158 3.82 12.03 9.26
C PRO A 158 4.30 10.73 8.65
N LYS A 159 3.82 9.53 9.02
CA LYS A 159 4.42 8.34 8.40
C LYS A 159 4.30 8.29 6.88
N LEU A 160 3.10 8.28 6.33
CA LEU A 160 3.11 8.11 4.87
C LEU A 160 3.31 9.45 4.19
N GLY A 161 2.86 10.54 4.78
CA GLY A 161 2.86 11.77 4.04
C GLY A 161 4.27 12.27 3.76
N PHE A 162 5.16 12.18 4.77
CA PHE A 162 6.51 12.70 4.48
C PHE A 162 7.62 11.84 5.08
N GLY A 163 7.45 11.34 6.27
CA GLY A 163 8.48 10.55 6.96
C GLY A 163 8.22 9.12 6.55
N HIS A 164 8.57 8.82 5.29
CA HIS A 164 8.06 7.55 4.72
C HIS A 164 8.94 6.31 4.85
N ASP A 165 9.37 6.02 6.06
CA ASP A 165 10.08 4.78 6.47
C ASP A 165 9.49 4.46 7.84
N PHE A 166 8.48 3.58 7.94
CA PHE A 166 7.81 3.32 9.22
C PHE A 166 8.79 2.77 10.27
N THR A 167 9.74 1.92 9.91
CA THR A 167 10.69 1.40 10.87
C THR A 167 11.62 2.50 11.39
N ALA A 168 12.07 3.44 10.55
CA ALA A 168 12.96 4.49 11.05
C ALA A 168 12.20 5.55 11.87
N TRP A 169 11.12 6.10 11.29
CA TRP A 169 10.32 7.06 12.03
C TRP A 169 9.92 6.49 13.36
N HIS A 170 9.57 5.21 13.39
CA HIS A 170 9.22 4.62 14.65
C HIS A 170 10.45 4.27 15.50
N GLU A 171 11.62 4.15 14.87
CA GLU A 171 12.89 3.92 15.55
C GLU A 171 13.33 5.14 16.36
N LEU A 172 12.71 6.30 16.11
CA LEU A 172 12.96 7.45 16.99
C LEU A 172 12.80 7.11 18.47
N GLY A 173 11.98 6.11 18.79
CA GLY A 173 11.82 5.69 20.16
C GLY A 173 10.58 6.30 20.80
N GLU A 174 10.20 5.63 21.87
CA GLU A 174 8.93 5.97 22.53
C GLU A 174 8.93 7.25 23.37
N GLU A 175 10.03 7.58 24.02
CA GLU A 175 10.12 8.83 24.76
C GLU A 175 10.06 10.02 23.81
N ALA A 176 10.74 9.89 22.66
CA ALA A 176 10.68 10.94 21.65
C ALA A 176 9.27 11.12 21.08
N HIS A 177 8.59 10.01 20.79
CA HIS A 177 7.23 10.13 20.26
C HIS A 177 6.28 10.70 21.31
N ALA A 178 6.49 10.38 22.58
CA ALA A 178 5.69 10.98 23.64
C ALA A 178 5.90 12.48 23.70
N ARG A 179 7.14 12.93 23.49
CA ARG A 179 7.38 14.38 23.44
C ARG A 179 6.75 15.00 22.20
N MET A 180 6.84 14.32 21.06
CA MET A 180 6.27 14.84 19.82
C MET A 180 4.76 14.99 19.95
N ARG A 181 4.12 14.07 20.69
CA ARG A 181 2.70 14.17 21.02
C ARG A 181 2.34 15.56 21.52
N LYS A 182 3.01 15.98 22.58
CA LYS A 182 2.75 17.30 23.14
C LYS A 182 3.26 18.41 22.23
N ASN A 183 4.21 18.12 21.35
CA ASN A 183 4.71 19.14 20.43
C ASN A 183 3.67 19.51 19.36
N TYR A 184 2.92 18.53 18.88
CA TYR A 184 2.02 18.74 17.74
C TYR A 184 1.08 19.94 17.87
N PRO A 185 0.32 20.09 18.97
CA PRO A 185 -0.60 21.24 19.02
C PRO A 185 0.10 22.57 19.12
N ARG A 186 1.22 22.63 19.85
CA ARG A 186 2.00 23.87 19.91
C ARG A 186 2.50 24.24 18.53
N TRP A 187 3.00 23.25 17.78
CA TRP A 187 3.41 23.52 16.41
C TRP A 187 2.23 24.04 15.59
N ALA A 188 1.08 23.37 15.67
CA ALA A 188 -0.08 23.77 14.87
C ALA A 188 -0.52 25.20 15.21
N ARG A 189 -0.45 25.57 16.49
CA ARG A 189 -0.87 26.90 16.89
C ARG A 189 0.16 27.96 16.53
N GLY A 190 1.42 27.60 16.46
CA GLY A 190 2.45 28.62 16.29
C GLY A 190 3.26 28.53 15.03
N TYR A 191 3.52 27.33 14.51
CA TYR A 191 4.39 27.21 13.34
C TYR A 191 3.68 27.43 12.04
N PRO A 192 2.51 26.76 11.46
CA PRO A 192 1.58 26.86 10.05
C PRO A 192 1.11 28.25 9.53
N HIS A 193 0.54 29.07 10.40
CA HIS A 193 0.01 30.37 10.00
C HIS A 193 1.10 31.32 9.55
N THR A 194 2.20 31.40 10.32
CA THR A 194 3.11 32.53 10.31
C THR A 194 4.43 32.25 9.61
N LEU A 195 4.91 31.01 9.60
CA LEU A 195 6.25 30.76 9.05
C LEU A 195 6.31 30.99 7.54
N PRO A 196 5.36 30.52 6.71
CA PRO A 196 5.59 30.52 5.23
C PRO A 196 5.98 31.87 4.58
N LEU A 197 5.29 32.95 4.88
CA LEU A 197 5.75 34.16 4.17
C LEU A 197 6.97 34.82 4.82
N SER A 198 7.74 34.13 5.65
CA SER A 198 8.81 34.84 6.27
C SER A 198 10.14 34.31 5.83
N SER A 199 10.13 33.24 5.05
CA SER A 199 11.35 32.70 4.52
C SER A 199 11.94 33.72 3.56
N PRO A 200 13.12 34.27 3.84
CA PRO A 200 13.71 35.23 2.90
C PRO A 200 14.26 34.51 1.68
N THR A 201 13.56 34.63 0.56
CA THR A 201 13.93 33.94 -0.67
C THR A 201 14.38 34.88 -1.78
N GLY A 202 14.64 36.15 -1.47
CA GLY A 202 15.16 37.04 -2.47
C GLY A 202 16.55 36.63 -2.94
N LYS A 203 16.85 36.94 -4.19
CA LYS A 203 18.11 36.53 -4.80
C LYS A 203 19.31 36.99 -3.98
N GLU A 204 19.34 38.26 -3.61
CA GLU A 204 20.49 38.80 -2.89
C GLU A 204 20.66 38.14 -1.53
N ASP A 205 19.55 37.82 -0.86
CA ASP A 205 19.64 37.14 0.45
C ASP A 205 20.16 35.72 0.31
N LEU A 206 19.66 34.99 -0.70
CA LEU A 206 20.09 33.61 -0.91
C LEU A 206 21.55 33.51 -1.33
N ILE A 207 22.13 34.60 -1.83
CA ILE A 207 23.47 34.59 -2.40
C ILE A 207 24.54 35.06 -1.40
N LYS A 208 24.14 35.56 -0.23
CA LYS A 208 25.10 36.13 0.71
C LYS A 208 26.14 35.11 1.16
N ARG A 209 25.74 33.85 1.31
CA ARG A 209 26.64 32.79 1.74
C ARG A 209 26.37 31.55 0.90
N PRO A 210 27.33 30.63 0.81
CA PRO A 210 27.12 29.39 0.05
C PRO A 210 25.90 28.63 0.55
N LEU A 211 25.07 28.20 -0.40
CA LEU A 211 23.76 27.63 -0.10
C LEU A 211 23.50 26.43 -0.98
N ASP A 212 23.21 25.28 -0.36
CA ASP A 212 22.80 24.08 -1.08
C ASP A 212 21.37 23.75 -0.68
N TRP A 213 20.44 23.96 -1.60
CA TRP A 213 19.01 23.77 -1.36
C TRP A 213 18.62 22.37 -1.86
N THR A 214 17.97 21.58 -1.00
CA THR A 214 17.64 20.21 -1.34
C THR A 214 16.16 19.94 -1.16
N VAL A 215 15.71 18.89 -1.85
CA VAL A 215 14.33 18.42 -1.80
C VAL A 215 14.36 16.90 -1.69
N GLY A 216 13.37 16.35 -0.98
CA GLY A 216 13.23 14.90 -0.82
C GLY A 216 13.03 14.16 -2.12
N GLY A 217 13.80 13.08 -2.31
CA GLY A 217 13.71 12.29 -3.53
C GLY A 217 12.32 11.79 -3.85
N ASP A 218 11.59 11.36 -2.83
CA ASP A 218 10.29 10.76 -3.05
C ASP A 218 9.13 11.69 -2.74
N THR A 219 9.42 12.94 -2.37
CA THR A 219 8.36 13.91 -2.18
C THR A 219 7.66 14.17 -3.51
N PRO A 220 6.33 14.25 -3.54
CA PRO A 220 5.65 14.66 -4.77
C PRO A 220 6.12 16.04 -5.23
N THR A 221 6.31 16.18 -6.54
CA THR A 221 6.95 17.36 -7.10
C THR A 221 6.22 18.64 -6.71
N ARG A 222 4.90 18.58 -6.59
CA ARG A 222 4.12 19.80 -6.42
C ARG A 222 4.32 20.42 -5.04
N MET A 223 4.67 19.61 -4.03
CA MET A 223 4.74 20.11 -2.66
C MET A 223 5.76 21.23 -2.52
N PHE A 224 6.97 21.02 -3.03
CA PHE A 224 8.05 21.99 -2.90
C PHE A 224 8.62 22.37 -4.26
N PHE A 225 7.76 22.34 -5.28
CA PHE A 225 8.09 22.83 -6.61
C PHE A 225 8.67 24.25 -6.58
N ASP A 226 8.03 25.15 -5.83
CA ASP A 226 8.48 26.53 -5.75
C ASP A 226 9.92 26.63 -5.25
N ASN A 227 10.32 25.75 -4.33
CA ASN A 227 11.71 25.72 -3.88
C ASN A 227 12.66 25.54 -5.07
N ILE A 228 12.38 24.54 -5.90
CA ILE A 228 13.24 24.25 -7.05
C ILE A 228 13.28 25.44 -8.00
N VAL A 229 12.09 25.97 -8.33
CA VAL A 229 12.05 27.10 -9.28
C VAL A 229 12.82 28.30 -8.74
N THR A 230 12.59 28.65 -7.48
CA THR A 230 13.26 29.80 -6.88
C THR A 230 14.76 29.61 -6.85
N ALA A 231 15.22 28.46 -6.36
CA ALA A 231 16.66 28.20 -6.26
C ALA A 231 17.32 28.24 -7.62
N SER A 232 16.72 27.60 -8.62
CA SER A 232 17.34 27.55 -9.93
C SER A 232 17.36 28.93 -10.60
N LYS A 233 16.29 29.70 -10.43
CA LYS A 233 16.26 31.05 -10.99
C LYS A 233 17.28 31.95 -10.31
N ALA A 234 17.50 31.78 -9.01
CA ALA A 234 18.49 32.57 -8.30
C ALA A 234 19.91 32.09 -8.52
N GLY A 235 20.09 30.94 -9.18
CA GLY A 235 21.41 30.39 -9.36
C GLY A 235 21.92 29.59 -8.19
N ILE A 236 21.02 29.16 -7.30
CA ILE A 236 21.42 28.41 -6.11
C ILE A 236 21.56 26.94 -6.49
N PRO A 237 22.64 26.27 -6.08
CA PRO A 237 22.71 24.81 -6.29
C PRO A 237 21.53 24.14 -5.61
N ILE A 238 20.70 23.50 -6.42
CA ILE A 238 19.48 22.85 -5.95
C ILE A 238 19.56 21.40 -6.38
N ALA A 239 19.23 20.50 -5.46
CA ALA A 239 19.36 19.08 -5.72
C ALA A 239 18.34 18.30 -4.90
N THR A 240 18.26 17.02 -5.21
CA THR A 240 17.41 16.09 -4.50
C THR A 240 18.26 15.13 -3.69
N LEU A 241 17.75 14.77 -2.51
CA LEU A 241 18.39 13.78 -1.64
C LEU A 241 17.37 12.73 -1.22
N PRO A 242 17.83 11.52 -0.92
CA PRO A 242 16.90 10.43 -0.57
C PRO A 242 16.03 10.78 0.63
N GLY A 243 14.78 10.34 0.57
CA GLY A 243 13.82 10.61 1.60
C GLY A 243 12.74 11.57 1.13
N MET A 244 12.03 12.15 2.10
CA MET A 244 10.95 13.12 1.80
C MET A 244 11.16 14.38 2.64
N HIS A 245 10.50 14.47 3.80
CA HIS A 245 10.63 15.61 4.69
C HIS A 245 11.63 15.37 5.82
N PHE A 246 11.89 14.12 6.18
CA PHE A 246 12.87 13.79 7.21
C PHE A 246 13.96 12.90 6.63
N PRO A 247 14.82 13.44 5.76
CA PRO A 247 15.90 12.60 5.21
C PRO A 247 16.82 12.07 6.30
N TYR A 248 17.03 12.85 7.37
CA TYR A 248 17.86 12.38 8.47
C TYR A 248 17.22 11.22 9.24
N VAL A 249 15.90 11.07 9.16
CA VAL A 249 15.22 9.96 9.79
C VAL A 249 15.15 8.77 8.84
N SER A 250 14.58 8.98 7.65
CA SER A 250 14.34 7.88 6.74
C SER A 250 15.64 7.33 6.12
N HIS A 251 16.63 8.19 5.91
CA HIS A 251 17.88 7.81 5.25
C HIS A 251 19.06 8.48 5.93
N PRO A 252 19.37 8.08 7.17
CA PRO A 252 20.44 8.77 7.91
C PRO A 252 21.79 8.73 7.23
N GLU A 253 22.16 7.58 6.63
CA GLU A 253 23.47 7.44 6.02
C GLU A 253 23.64 8.39 4.83
N VAL A 254 22.62 8.46 3.97
CA VAL A 254 22.73 9.38 2.84
C VAL A 254 22.66 10.82 3.31
N LEU A 255 21.90 11.10 4.38
CA LEU A 255 21.89 12.45 4.93
C LEU A 255 23.26 12.86 5.42
N VAL A 256 23.97 11.98 6.14
CA VAL A 256 25.29 12.36 6.63
C VAL A 256 26.26 12.48 5.47
N LYS A 257 26.16 11.61 4.47
CA LYS A 257 27.00 11.75 3.30
C LYS A 257 26.82 13.12 2.65
N HIS A 258 25.56 13.55 2.48
CA HIS A 258 25.30 14.84 1.87
C HIS A 258 25.82 15.99 2.74
N ILE A 259 25.52 15.97 4.04
CA ILE A 259 26.01 17.00 4.96
C ILE A 259 27.52 17.13 4.86
N VAL A 260 28.22 16.00 5.01
CA VAL A 260 29.68 16.01 5.06
C VAL A 260 30.26 16.47 3.73
N ASP A 261 29.75 15.90 2.62
CA ASP A 261 30.26 16.24 1.30
C ASP A 261 30.12 17.73 1.01
N THR A 262 28.95 18.29 1.32
CA THR A 262 28.75 19.72 1.07
C THR A 262 29.61 20.57 2.01
N THR A 263 29.68 20.21 3.30
CA THR A 263 30.49 20.98 4.25
C THR A 263 31.96 21.02 3.86
N ARG A 264 32.48 19.90 3.39
CA ARG A 264 33.89 19.73 2.97
C ARG A 264 34.28 20.66 1.82
N LYS A 265 33.34 21.03 0.99
CA LYS A 265 33.62 21.93 -0.13
C LYS A 265 33.81 23.37 0.30
N TYR A 266 33.51 23.72 1.55
CA TYR A 266 33.55 25.11 1.98
C TYR A 266 34.38 25.29 3.25
N LEU A 267 35.19 24.30 3.60
CA LEU A 267 36.10 24.42 4.73
C LEU A 267 37.21 25.41 4.38
N MET B 1 -18.47 7.67 36.20
CA MET B 1 -17.28 7.75 35.33
C MET B 1 -16.40 6.52 35.56
N ARG B 2 -15.24 6.56 34.92
CA ARG B 2 -14.28 5.48 34.99
C ARG B 2 -13.56 5.68 36.31
N THR B 3 -13.38 4.62 37.07
CA THR B 3 -12.60 4.74 38.30
C THR B 3 -11.25 4.07 38.11
N ARG B 4 -10.24 4.68 38.70
CA ARG B 4 -8.84 4.26 38.57
C ARG B 4 -8.22 4.08 39.94
N SER B 5 -7.38 3.06 40.10
CA SER B 5 -6.61 2.89 41.33
C SER B 5 -5.55 1.83 41.09
N THR B 6 -4.76 1.57 42.14
CA THR B 6 -3.73 0.55 42.18
C THR B 6 -3.97 -0.33 43.39
N LEU B 7 -3.56 -1.60 43.29
CA LEU B 7 -3.75 -2.51 44.41
C LEU B 7 -2.78 -3.67 44.30
N THR B 8 -2.48 -4.26 45.47
CA THR B 8 -1.56 -5.39 45.58
C THR B 8 -2.30 -6.66 45.94
N ASP B 9 -1.95 -7.71 45.18
CA ASP B 9 -2.35 -9.13 45.30
C ASP B 9 -1.24 -9.98 45.92
N LYS B 10 -1.58 -11.20 46.35
CA LYS B 10 -0.69 -12.12 47.02
C LYS B 10 0.57 -12.43 46.23
N ASN B 11 0.49 -12.36 44.90
CA ASN B 11 1.64 -12.71 44.04
C ASN B 11 2.75 -11.66 44.20
N GLY B 12 2.41 -10.46 44.65
CA GLY B 12 3.38 -9.36 44.74
C GLY B 12 3.18 -8.43 43.56
N ILE B 13 2.06 -8.54 42.90
CA ILE B 13 1.78 -7.65 41.74
C ILE B 13 1.11 -6.35 42.21
N THR B 14 1.69 -5.24 41.80
CA THR B 14 1.13 -3.90 41.97
C THR B 14 0.29 -3.66 40.71
N TRP B 15 -0.98 -4.00 40.77
CA TRP B 15 -1.88 -3.86 39.63
C TRP B 15 -2.33 -2.42 39.47
N TYR B 16 -2.44 -1.99 38.22
CA TYR B 16 -3.28 -0.85 37.87
C TYR B 16 -4.56 -1.39 37.25
N TYR B 17 -5.69 -0.83 37.66
CA TYR B 17 -6.98 -1.34 37.19
C TYR B 17 -7.91 -0.18 36.90
N GLU B 18 -8.93 -0.46 36.10
CA GLU B 18 -9.97 0.50 35.77
C GLU B 18 -11.32 -0.20 35.88
N GLN B 19 -12.32 0.55 36.33
CA GLN B 19 -13.68 0.04 36.44
C GLN B 19 -14.64 1.11 35.98
N GLU B 20 -15.77 0.67 35.43
CA GLU B 20 -16.78 1.62 34.98
C GLU B 20 -18.13 0.92 34.89
N GLY B 21 -19.17 1.59 35.39
CA GLY B 21 -20.52 1.11 35.24
C GLY B 21 -20.97 0.26 36.42
N SER B 22 -22.19 -0.28 36.27
CA SER B 22 -22.80 -1.12 37.29
C SER B 22 -23.61 -2.21 36.60
N GLY B 23 -23.81 -3.31 37.32
CA GLY B 23 -24.50 -4.45 36.78
C GLY B 23 -23.66 -5.71 36.82
N PRO B 24 -23.97 -6.68 35.97
CA PRO B 24 -23.14 -7.88 35.89
C PRO B 24 -21.72 -7.55 35.47
N HIS B 25 -20.77 -8.35 35.97
CA HIS B 25 -19.35 -8.07 35.77
C HIS B 25 -18.88 -8.57 34.40
N VAL B 26 -18.20 -7.69 33.67
CA VAL B 26 -17.48 -8.05 32.45
C VAL B 26 -16.02 -7.67 32.61
N VAL B 27 -15.13 -8.62 32.38
CA VAL B 27 -13.70 -8.43 32.56
C VAL B 27 -13.00 -8.51 31.22
N LEU B 28 -12.24 -7.47 30.88
CA LEU B 28 -11.52 -7.38 29.62
C LEU B 28 -10.03 -7.60 29.89
N ILE B 29 -9.54 -8.79 29.59
CA ILE B 29 -8.11 -9.08 29.76
C ILE B 29 -7.43 -8.62 28.49
N PRO B 30 -6.29 -7.71 28.52
CA PRO B 30 -5.25 -7.05 27.39
C PRO B 30 -4.82 -8.33 26.67
N ASP B 31 -4.31 -8.06 25.50
CA ASP B 31 -3.47 -8.99 24.73
C ASP B 31 -2.08 -9.03 25.39
N GLY B 32 -1.15 -9.66 24.73
CA GLY B 32 0.21 -9.81 25.27
C GLY B 32 0.88 -8.50 25.65
N LEU B 33 0.55 -7.41 24.94
CA LEU B 33 1.12 -6.11 25.28
C LEU B 33 0.67 -5.62 26.65
N GLY B 34 -0.43 -6.15 27.18
CA GLY B 34 -0.86 -5.86 28.53
C GLY B 34 -1.25 -4.42 28.79
N GLU B 35 -1.65 -3.69 27.75
CA GLU B 35 -1.99 -2.27 27.87
C GLU B 35 -3.51 -2.13 27.81
N CYS B 36 -4.13 -1.85 28.96
CA CYS B 36 -5.58 -1.81 29.03
C CYS B 36 -6.18 -0.54 28.44
N HIS B 37 -5.36 0.47 28.14
CA HIS B 37 -5.88 1.65 27.46
C HIS B 37 -6.43 1.32 26.08
N MET B 38 -6.04 0.18 25.50
CA MET B 38 -6.64 -0.27 24.26
C MET B 38 -8.15 -0.48 24.39
N MET B 39 -8.64 -0.67 25.61
CA MET B 39 -10.07 -0.82 25.88
C MET B 39 -10.75 0.51 26.18
N ASP B 40 -10.04 1.63 26.09
CA ASP B 40 -10.57 2.90 26.57
C ASP B 40 -11.88 3.27 25.88
N LYS B 41 -11.93 3.15 24.56
CA LYS B 41 -13.13 3.51 23.82
C LYS B 41 -14.25 2.47 24.01
N PRO B 42 -13.97 1.17 23.99
CA PRO B 42 -15.07 0.20 24.15
C PRO B 42 -15.76 0.25 25.51
N MET B 43 -15.01 0.47 26.59
CA MET B 43 -15.53 0.21 27.93
C MET B 43 -16.81 0.99 28.21
N SER B 44 -16.79 2.31 27.96
CA SER B 44 -17.98 3.11 28.18
C SER B 44 -19.16 2.53 27.41
N MET B 45 -18.94 2.16 26.15
CA MET B 45 -20.00 1.59 25.33
C MET B 45 -20.53 0.30 25.95
N ILE B 46 -19.66 -0.49 26.57
CA ILE B 46 -20.15 -1.69 27.27
C ILE B 46 -20.91 -1.27 28.51
N ALA B 47 -20.35 -0.33 29.28
CA ALA B 47 -20.95 0.08 30.56
C ALA B 47 -22.35 0.63 30.34
N GLY B 48 -22.57 1.36 29.24
CA GLY B 48 -23.87 1.91 28.95
C GLY B 48 -24.95 0.87 28.77
N MET B 49 -24.59 -0.37 28.51
CA MET B 49 -25.56 -1.45 28.34
C MET B 49 -25.94 -2.11 29.66
N GLY B 50 -25.56 -1.52 30.78
CA GLY B 50 -25.94 -2.05 32.07
C GLY B 50 -24.94 -3.04 32.62
N PHE B 51 -23.65 -2.76 32.44
CA PHE B 51 -22.60 -3.64 32.93
C PHE B 51 -21.52 -2.84 33.63
N THR B 52 -20.94 -3.46 34.65
CA THR B 52 -19.72 -2.97 35.26
C THR B 52 -18.52 -3.63 34.58
N CYS B 53 -17.71 -2.83 33.92
CA CYS B 53 -16.56 -3.31 33.16
C CYS B 53 -15.28 -3.11 33.97
N THR B 54 -14.47 -4.15 34.05
CA THR B 54 -13.21 -4.12 34.75
C THR B 54 -12.11 -4.52 33.78
N THR B 55 -11.01 -3.77 33.80
CA THR B 55 -9.82 -4.11 33.04
C THR B 55 -8.61 -3.73 33.88
N PHE B 56 -7.44 -4.11 33.37
CA PHE B 56 -6.19 -3.92 34.10
C PHE B 56 -5.03 -4.14 33.14
N ASP B 57 -3.90 -3.52 33.44
CA ASP B 57 -2.65 -3.84 32.77
C ASP B 57 -2.12 -5.16 33.29
N MET B 58 -1.52 -5.94 32.41
CA MET B 58 -1.02 -7.26 32.78
C MET B 58 0.26 -7.14 33.59
N PRO B 59 0.58 -8.15 34.42
CA PRO B 59 1.76 -8.07 35.28
C PRO B 59 3.03 -7.81 34.49
N GLY B 60 3.81 -6.83 34.94
CA GLY B 60 5.05 -6.47 34.28
C GLY B 60 4.90 -5.52 33.11
N PHE B 61 3.68 -5.11 32.78
CA PHE B 61 3.44 -4.27 31.61
C PHE B 61 2.73 -2.99 32.00
N SER B 62 3.10 -1.89 31.33
CA SER B 62 2.47 -0.57 31.47
C SER B 62 2.42 -0.18 32.94
N ARG B 63 1.26 0.17 33.48
CA ARG B 63 1.17 0.65 34.85
C ARG B 63 1.18 -0.46 35.89
N SER B 64 1.16 -1.72 35.47
CA SER B 64 1.36 -2.85 36.38
C SER B 64 2.78 -3.41 36.30
N TRP B 65 3.73 -2.63 35.79
CA TRP B 65 5.07 -3.17 35.53
C TRP B 65 5.84 -3.47 36.80
N ASP B 66 5.48 -2.84 37.93
CA ASP B 66 6.14 -3.18 39.19
C ASP B 66 5.61 -4.52 39.68
N ALA B 67 6.25 -5.60 39.25
CA ALA B 67 5.80 -6.96 39.53
C ALA B 67 7.01 -7.88 39.58
N PRO B 68 6.93 -9.00 40.29
CA PRO B 68 8.05 -9.93 40.34
C PRO B 68 8.30 -10.55 38.98
N PRO B 69 9.56 -10.81 38.64
CA PRO B 69 9.88 -11.35 37.30
C PRO B 69 9.13 -12.62 36.94
N GLU B 70 8.80 -13.47 37.91
CA GLU B 70 8.10 -14.72 37.61
C GLU B 70 6.73 -14.49 36.99
N THR B 71 6.12 -13.33 37.21
CA THR B 71 4.79 -13.06 36.66
C THR B 71 4.81 -12.66 35.20
N TYR B 72 5.98 -12.34 34.63
CA TYR B 72 6.06 -12.01 33.21
C TYR B 72 7.22 -12.74 32.52
N GLN B 73 7.74 -13.80 33.13
CA GLN B 73 8.72 -14.69 32.52
C GLN B 73 8.20 -16.12 32.56
N ASP B 74 8.48 -16.88 31.51
CA ASP B 74 8.00 -18.26 31.37
C ASP B 74 6.48 -18.31 31.54
N VAL B 75 5.81 -17.37 30.87
CA VAL B 75 4.38 -17.16 31.09
C VAL B 75 3.59 -18.31 30.48
N THR B 76 2.60 -18.81 31.22
CA THR B 76 1.68 -19.81 30.71
C THR B 76 0.26 -19.31 30.87
N ALA B 77 -0.66 -19.92 30.12
CA ALA B 77 -2.07 -19.58 30.25
C ALA B 77 -2.55 -19.82 31.68
N GLN B 78 -2.05 -20.87 32.31
CA GLN B 78 -2.44 -21.20 33.69
C GLN B 78 -1.99 -20.14 34.68
N LYS B 79 -0.73 -19.70 34.57
CA LYS B 79 -0.22 -18.64 35.44
C LYS B 79 -1.02 -17.35 35.26
N LEU B 80 -1.28 -16.98 34.01
CA LEU B 80 -2.06 -15.77 33.75
C LEU B 80 -3.47 -15.89 34.31
N ALA B 81 -4.07 -17.07 34.21
CA ALA B 81 -5.39 -17.27 34.78
C ALA B 81 -5.37 -17.09 36.29
N SER B 82 -4.35 -17.65 36.95
CA SER B 82 -4.24 -17.47 38.40
C SER B 82 -4.07 -16.00 38.78
N TYR B 83 -3.26 -15.26 38.01
CA TYR B 83 -3.09 -13.83 38.29
C TYR B 83 -4.40 -13.08 38.10
N VAL B 84 -5.13 -13.38 37.03
CA VAL B 84 -6.41 -12.73 36.79
C VAL B 84 -7.38 -13.03 37.92
N ILE B 85 -7.40 -14.29 38.38
CA ILE B 85 -8.27 -14.65 39.50
C ILE B 85 -7.91 -13.83 40.72
N SER B 86 -6.60 -13.65 40.97
CA SER B 86 -6.17 -12.85 42.10
C SER B 86 -6.72 -11.42 42.01
N ILE B 87 -6.54 -10.78 40.85
CA ILE B 87 -6.98 -9.39 40.75
C ILE B 87 -8.50 -9.28 40.82
N LEU B 88 -9.23 -10.26 40.27
CA LEU B 88 -10.70 -10.19 40.37
C LEU B 88 -11.16 -10.37 41.81
N ASP B 89 -10.53 -11.29 42.54
CA ASP B 89 -10.86 -11.47 43.94
C ASP B 89 -10.58 -10.19 44.73
N GLU B 90 -9.42 -9.57 44.50
CA GLU B 90 -9.09 -8.35 45.23
C GLU B 90 -10.09 -7.23 44.95
N LEU B 91 -10.62 -7.19 43.73
CA LEU B 91 -11.70 -6.24 43.43
C LEU B 91 -13.05 -6.78 43.85
N HIS B 92 -13.05 -7.91 44.56
CA HIS B 92 -14.26 -8.59 45.05
C HIS B 92 -15.29 -8.75 43.94
N ILE B 93 -14.84 -9.28 42.81
CA ILE B 93 -15.70 -9.78 41.76
C ILE B 93 -15.82 -11.28 41.96
N ASP B 94 -17.05 -11.79 41.98
CA ASP B 94 -17.30 -13.20 42.21
C ASP B 94 -17.33 -14.00 40.91
N TYR B 95 -18.09 -13.52 39.93
CA TYR B 95 -18.43 -14.30 38.76
C TYR B 95 -18.66 -13.31 37.62
N ALA B 96 -18.13 -13.62 36.43
CA ALA B 96 -18.07 -12.60 35.40
C ALA B 96 -17.93 -13.20 34.02
N THR B 97 -18.26 -12.38 33.02
CA THR B 97 -17.90 -12.64 31.63
C THR B 97 -16.47 -12.18 31.38
N PHE B 98 -15.69 -13.01 30.69
CA PHE B 98 -14.29 -12.72 30.42
C PHE B 98 -14.04 -12.62 28.91
N TRP B 99 -13.46 -11.52 28.48
CA TRP B 99 -12.94 -11.38 27.12
C TRP B 99 -11.43 -11.44 27.16
N GLY B 100 -10.84 -12.07 26.14
CA GLY B 100 -9.40 -12.08 26.01
C GLY B 100 -8.95 -12.34 24.59
N CYS B 101 -7.94 -11.60 24.14
CA CYS B 101 -7.34 -11.80 22.83
C CYS B 101 -5.89 -12.25 23.00
N SER B 102 -5.45 -13.11 22.09
CA SER B 102 -4.07 -13.62 22.05
C SER B 102 -3.78 -14.31 23.37
N SER B 103 -2.74 -13.93 24.12
CA SER B 103 -2.49 -14.56 25.41
C SER B 103 -3.68 -14.38 26.35
N GLY B 104 -4.29 -13.20 26.33
CA GLY B 104 -5.52 -13.01 27.09
C GLY B 104 -6.59 -14.02 26.71
N GLY B 105 -6.69 -14.33 25.42
CA GLY B 105 -7.58 -15.40 25.00
C GLY B 105 -7.17 -16.75 25.59
N ALA B 106 -5.87 -17.05 25.55
CA ALA B 106 -5.39 -18.27 26.19
C ALA B 106 -5.79 -18.29 27.66
N THR B 107 -5.58 -17.17 28.35
CA THR B 107 -6.02 -17.03 29.73
C THR B 107 -7.50 -17.37 29.86
N VAL B 108 -8.32 -16.80 28.96
CA VAL B 108 -9.76 -17.07 29.02
C VAL B 108 -10.00 -18.57 28.97
N LEU B 109 -9.33 -19.25 28.03
CA LEU B 109 -9.50 -20.70 27.93
C LEU B 109 -9.08 -21.36 29.24
N ALA B 110 -7.93 -20.95 29.78
CA ALA B 110 -7.47 -21.50 31.06
C ALA B 110 -8.47 -21.20 32.17
N LEU B 111 -9.16 -20.06 32.09
CA LEU B 111 -10.18 -19.78 33.09
C LEU B 111 -11.38 -20.70 32.91
N ALA B 112 -11.76 -20.98 31.66
CA ALA B 112 -12.86 -21.91 31.43
C ALA B 112 -12.50 -23.31 31.90
N ALA B 113 -11.25 -23.72 31.67
CA ALA B 113 -10.84 -25.09 31.99
C ALA B 113 -10.70 -25.31 33.48
N ASP B 114 -10.12 -24.34 34.20
CA ASP B 114 -9.68 -24.57 35.57
C ASP B 114 -10.43 -23.77 36.63
N TYR B 115 -11.19 -22.73 36.25
CA TYR B 115 -12.01 -21.99 37.20
C TYR B 115 -13.44 -21.79 36.70
N PRO B 116 -14.09 -22.85 36.20
CA PRO B 116 -15.39 -22.64 35.53
C PRO B 116 -16.45 -22.03 36.42
N GLU B 117 -16.37 -22.25 37.74
CA GLU B 117 -17.35 -21.66 38.66
C GLU B 117 -17.31 -20.14 38.65
N ARG B 118 -16.23 -19.54 38.19
CA ARG B 118 -16.08 -18.08 38.19
C ARG B 118 -16.49 -17.44 36.86
N MET B 119 -16.84 -18.23 35.84
CA MET B 119 -17.12 -17.72 34.51
C MET B 119 -18.61 -17.80 34.22
N ARG B 120 -19.22 -16.66 33.89
CA ARG B 120 -20.55 -16.67 33.31
C ARG B 120 -20.50 -17.18 31.87
N ASN B 121 -19.62 -16.59 31.06
CA ASN B 121 -19.38 -17.00 29.69
C ASN B 121 -18.06 -16.40 29.25
N GLY B 122 -17.41 -17.05 28.30
CA GLY B 122 -16.06 -16.70 27.89
C GLY B 122 -16.01 -16.27 26.44
N LEU B 123 -15.15 -15.29 26.14
CA LEU B 123 -14.96 -14.79 24.78
C LEU B 123 -13.47 -14.72 24.49
N PRO B 124 -12.92 -15.70 23.77
CA PRO B 124 -11.51 -15.60 23.34
C PRO B 124 -11.40 -15.24 21.87
N HIS B 125 -10.32 -14.55 21.52
CA HIS B 125 -10.10 -14.04 20.17
C HIS B 125 -8.66 -14.34 19.77
N GLU B 126 -8.50 -15.09 18.68
CA GLU B 126 -7.20 -15.33 18.04
C GLU B 126 -6.16 -15.83 19.05
N VAL B 127 -6.41 -17.05 19.51
CA VAL B 127 -5.55 -17.69 20.52
C VAL B 127 -4.34 -18.30 19.82
N PRO B 128 -3.11 -17.96 20.25
CA PRO B 128 -1.93 -18.61 19.68
C PRO B 128 -1.76 -20.03 20.23
N THR B 129 -1.62 -21.00 19.33
CA THR B 129 -1.51 -22.39 19.74
C THR B 129 -0.29 -23.11 19.15
N ALA B 130 0.48 -22.45 18.29
CA ALA B 130 1.63 -23.08 17.65
C ALA B 130 2.80 -22.12 17.68
N ALA B 131 4.01 -22.63 17.45
CA ALA B 131 5.21 -21.76 17.38
C ALA B 131 5.26 -21.07 16.01
N GLY B 132 4.60 -21.63 14.99
CA GLY B 132 4.61 -21.10 13.61
C GLY B 132 3.27 -20.93 12.85
N PRO B 133 2.09 -20.62 13.45
CA PRO B 133 0.82 -20.33 12.76
C PRO B 133 0.50 -18.84 12.49
N HIS B 134 1.54 -18.02 12.18
CA HIS B 134 1.73 -16.60 11.67
C HIS B 134 2.48 -16.58 10.31
N PHE B 135 2.96 -15.42 9.78
CA PHE B 135 3.68 -15.21 8.47
C PHE B 135 4.87 -14.21 8.61
N GLY B 136 6.13 -14.64 8.40
CA GLY B 136 7.35 -13.82 8.53
C GLY B 136 8.38 -14.42 9.47
N GLN B 137 8.80 -13.66 10.48
CA GLN B 137 9.82 -14.11 11.42
C GLN B 137 9.22 -14.89 12.59
N LEU B 138 10.00 -15.88 13.04
CA LEU B 138 9.65 -16.62 14.24
C LEU B 138 9.68 -15.65 15.41
N LEU B 139 8.53 -15.45 16.06
CA LEU B 139 8.49 -14.62 17.25
C LEU B 139 9.42 -15.15 18.34
N LYS B 140 9.57 -16.46 18.44
CA LYS B 140 10.38 -17.12 19.46
C LYS B 140 11.86 -16.78 19.37
N LEU B 141 12.29 -16.02 18.37
CA LEU B 141 13.68 -15.58 18.27
C LEU B 141 13.88 -14.14 18.70
N ALA B 142 12.80 -13.34 18.78
CA ALA B 142 12.92 -11.91 19.02
C ALA B 142 13.70 -11.58 20.29
N GLU B 143 13.63 -12.46 21.31
CA GLU B 143 14.31 -12.17 22.57
C GLU B 143 15.83 -12.10 22.42
N MET B 144 16.39 -12.68 21.36
CA MET B 144 17.84 -12.67 21.21
C MET B 144 18.37 -11.28 20.88
N GLU B 145 17.49 -10.38 20.43
CA GLU B 145 17.89 -9.06 20.01
C GLU B 145 17.98 -8.12 21.22
N ASP B 146 18.54 -6.94 20.98
CA ASP B 146 18.57 -5.93 22.02
C ASP B 146 17.18 -5.33 22.19
N GLU B 147 16.94 -4.78 23.37
CA GLU B 147 15.60 -4.32 23.71
C GLU B 147 15.10 -3.28 22.71
N ALA B 148 15.93 -2.28 22.39
CA ALA B 148 15.51 -1.22 21.48
C ALA B 148 15.07 -1.80 20.13
N ILE B 149 15.86 -2.72 19.57
CA ILE B 149 15.48 -3.27 18.28
C ILE B 149 14.29 -4.25 18.43
N VAL B 150 14.15 -4.89 19.58
CA VAL B 150 12.94 -5.70 19.80
C VAL B 150 11.71 -4.81 19.74
N LYS B 151 11.73 -3.70 20.49
CA LYS B 151 10.64 -2.72 20.47
C LYS B 151 10.44 -2.15 19.08
N MET B 152 11.50 -2.12 18.28
CA MET B 152 11.45 -1.46 17.00
C MET B 152 10.81 -2.37 15.94
N LEU B 153 11.07 -3.67 16.02
CA LEU B 153 10.42 -4.63 15.10
C LEU B 153 8.94 -4.77 15.51
N GLY B 154 8.60 -4.68 16.79
CA GLY B 154 7.21 -4.82 17.24
C GLY B 154 6.34 -3.65 16.85
N GLU B 155 6.70 -2.43 17.28
CA GLU B 155 5.95 -1.19 16.97
C GLU B 155 5.98 -0.96 15.47
N GLU B 156 6.98 -1.47 14.76
CA GLU B 156 6.91 -1.29 13.32
C GLU B 156 6.01 -2.32 12.66
N MET B 157 5.79 -3.49 13.29
CA MET B 157 4.96 -4.47 12.58
C MET B 157 3.46 -4.42 12.88
N PRO B 158 2.99 -4.22 14.12
CA PRO B 158 1.62 -4.55 14.44
C PRO B 158 0.61 -3.58 13.86
N LYS B 159 1.00 -2.34 13.58
CA LYS B 159 0.04 -1.35 13.11
C LYS B 159 -0.56 -1.79 11.79
N LEU B 160 0.25 -2.33 10.87
CA LEU B 160 -0.29 -2.85 9.62
C LEU B 160 -0.53 -4.35 9.66
N GLY B 161 0.21 -5.08 10.50
CA GLY B 161 0.09 -6.52 10.57
C GLY B 161 -1.05 -7.05 11.41
N PHE B 162 -1.36 -6.43 12.53
CA PHE B 162 -2.30 -6.99 13.52
C PHE B 162 -3.44 -6.04 13.95
N GLY B 163 -2.94 -4.73 14.06
CA GLY B 163 -3.93 -3.73 14.47
C GLY B 163 -4.02 -2.73 13.36
N HIS B 164 -4.97 -3.10 12.32
CA HIS B 164 -4.89 -2.21 11.14
C HIS B 164 -5.93 -1.12 10.84
N ASP B 165 -5.97 -0.20 11.75
CA ASP B 165 -6.66 1.10 11.65
C ASP B 165 -5.58 2.01 12.24
N PHE B 166 -4.77 2.62 11.37
CA PHE B 166 -3.62 3.35 11.89
C PHE B 166 -4.07 4.56 12.70
N THR B 167 -5.15 5.21 12.29
CA THR B 167 -5.62 6.35 13.05
C THR B 167 -6.10 5.93 14.45
N ALA B 168 -6.71 4.74 14.57
CA ALA B 168 -7.14 4.27 15.90
C ALA B 168 -5.97 3.72 16.72
N TRP B 169 -5.16 2.85 16.09
CA TRP B 169 -4.00 2.31 16.78
C TRP B 169 -3.18 3.46 17.33
N HIS B 170 -3.02 4.49 16.53
CA HIS B 170 -2.29 5.65 16.98
C HIS B 170 -3.13 6.53 17.90
N GLU B 171 -4.47 6.40 17.87
CA GLU B 171 -5.41 7.08 18.78
C GLU B 171 -5.22 6.64 20.21
N LEU B 172 -4.54 5.51 20.41
CA LEU B 172 -4.21 5.11 21.78
C LEU B 172 -3.52 6.22 22.57
N GLY B 173 -2.81 7.12 21.90
CA GLY B 173 -2.14 8.21 22.58
C GLY B 173 -0.68 7.89 22.87
N GLU B 174 0.11 8.93 23.09
CA GLU B 174 1.54 8.71 23.21
C GLU B 174 1.98 8.21 24.58
N GLU B 175 1.28 8.57 25.65
CA GLU B 175 1.65 7.98 26.94
C GLU B 175 1.46 6.46 26.90
N ALA B 176 0.36 6.01 26.28
CA ALA B 176 0.13 4.59 26.12
C ALA B 176 1.21 3.94 25.25
N HIS B 177 1.55 4.57 24.14
CA HIS B 177 2.59 4.02 23.28
C HIS B 177 3.95 4.01 23.98
N ALA B 178 4.21 5.00 24.83
CA ALA B 178 5.44 5.01 25.61
C ALA B 178 5.49 3.83 26.56
N ARG B 179 4.36 3.48 27.17
CA ARG B 179 4.33 2.28 28.00
C ARG B 179 4.49 1.01 27.16
N MET B 180 3.84 0.98 26.00
CA MET B 180 3.92 -0.19 25.13
C MET B 180 5.36 -0.45 24.68
N ARG B 181 6.12 0.62 24.47
CA ARG B 181 7.54 0.52 24.18
C ARG B 181 8.23 -0.42 25.14
N LYS B 182 8.19 -0.09 26.43
CA LYS B 182 8.84 -0.92 27.43
C LYS B 182 8.16 -2.27 27.57
N ASN B 183 6.91 -2.39 27.13
CA ASN B 183 6.24 -3.68 27.17
C ASN B 183 6.83 -4.67 26.17
N TYR B 184 7.19 -4.18 24.98
CA TYR B 184 7.63 -5.08 23.90
C TYR B 184 8.72 -6.05 24.27
N PRO B 185 9.87 -5.65 24.84
CA PRO B 185 10.92 -6.65 25.13
C PRO B 185 10.52 -7.64 26.19
N ARG B 186 9.81 -7.19 27.22
CA ARG B 186 9.32 -8.11 28.24
C ARG B 186 8.37 -9.14 27.63
N TRP B 187 7.46 -8.69 26.75
CA TRP B 187 6.61 -9.64 26.05
C TRP B 187 7.44 -10.64 25.25
N ALA B 188 8.39 -10.14 24.45
CA ALA B 188 9.18 -11.03 23.61
C ALA B 188 9.94 -12.07 24.44
N ARG B 189 10.45 -11.66 25.59
CA ARG B 189 11.21 -12.58 26.43
C ARG B 189 10.30 -13.54 27.20
N GLY B 190 9.09 -13.15 27.51
CA GLY B 190 8.28 -13.99 28.36
C GLY B 190 7.04 -14.56 27.73
N TYR B 191 6.46 -13.93 26.71
CA TYR B 191 5.20 -14.47 26.22
C TYR B 191 5.33 -15.45 25.06
N PRO B 192 6.10 -15.39 23.85
CA PRO B 192 5.99 -16.27 22.66
C PRO B 192 6.61 -17.65 22.82
N HIS B 193 7.69 -17.81 23.60
CA HIS B 193 8.29 -19.13 23.77
C HIS B 193 7.31 -20.11 24.38
N THR B 194 6.62 -19.68 25.43
CA THR B 194 5.98 -20.55 26.42
C THR B 194 4.46 -20.59 26.32
N LEU B 195 3.85 -19.51 25.85
CA LEU B 195 2.39 -19.42 25.90
C LEU B 195 1.65 -20.30 24.89
N PRO B 196 2.01 -20.35 23.60
CA PRO B 196 1.12 -21.02 22.61
C PRO B 196 0.71 -22.42 23.02
N LEU B 197 1.64 -23.13 23.64
CA LEU B 197 1.46 -24.51 24.05
C LEU B 197 0.61 -24.70 25.30
N SER B 198 0.32 -23.65 26.05
CA SER B 198 -0.35 -23.84 27.33
C SER B 198 -1.86 -23.59 27.26
N SER B 199 -2.36 -23.14 26.13
CA SER B 199 -3.79 -22.93 25.94
C SER B 199 -4.52 -24.26 25.95
N PRO B 200 -5.42 -24.51 26.91
CA PRO B 200 -6.19 -25.76 26.94
C PRO B 200 -7.30 -25.76 25.89
N THR B 201 -7.11 -26.56 24.83
CA THR B 201 -8.05 -26.61 23.72
C THR B 201 -8.77 -27.95 23.61
N GLY B 202 -8.66 -28.81 24.62
CA GLY B 202 -9.40 -30.06 24.60
C GLY B 202 -10.90 -29.84 24.66
N LYS B 203 -11.63 -30.76 24.03
CA LYS B 203 -13.10 -30.65 23.96
C LYS B 203 -13.72 -30.49 25.33
N GLU B 204 -13.30 -31.32 26.30
CA GLU B 204 -13.91 -31.29 27.61
C GLU B 204 -13.73 -29.94 28.29
N ASP B 205 -12.57 -29.31 28.10
CA ASP B 205 -12.33 -27.99 28.68
C ASP B 205 -13.16 -26.92 28.00
N LEU B 206 -13.22 -26.95 26.66
CA LEU B 206 -13.92 -25.91 25.91
C LEU B 206 -15.43 -25.91 26.16
N ILE B 207 -15.99 -27.00 26.67
CA ILE B 207 -17.44 -27.13 26.83
C ILE B 207 -17.88 -26.80 28.26
N LYS B 208 -16.95 -26.56 29.18
CA LYS B 208 -17.29 -26.39 30.58
C LYS B 208 -18.22 -25.19 30.80
N ARG B 209 -18.03 -24.12 30.05
CA ARG B 209 -18.82 -22.91 30.19
C ARG B 209 -19.15 -22.38 28.79
N PRO B 210 -20.18 -21.56 28.67
CA PRO B 210 -20.50 -20.97 27.36
C PRO B 210 -19.30 -20.23 26.79
N LEU B 211 -18.97 -20.51 25.55
CA LEU B 211 -17.73 -20.04 24.95
C LEU B 211 -18.01 -19.61 23.51
N ASP B 212 -17.70 -18.35 23.20
CA ASP B 212 -17.78 -17.86 21.83
C ASP B 212 -16.38 -17.46 21.38
N TRP B 213 -15.85 -18.24 20.44
CA TRP B 213 -14.49 -18.07 19.92
C TRP B 213 -14.55 -17.24 18.65
N THR B 214 -13.74 -16.19 18.58
CA THR B 214 -13.78 -15.27 17.46
C THR B 214 -12.43 -15.12 16.79
N VAL B 215 -12.48 -14.69 15.53
CA VAL B 215 -11.30 -14.43 14.70
C VAL B 215 -11.56 -13.12 13.94
N GLY B 216 -10.49 -12.36 13.71
CA GLY B 216 -10.56 -11.11 12.97
C GLY B 216 -11.05 -11.24 11.53
N GLY B 217 -12.01 -10.38 11.15
CA GLY B 217 -12.54 -10.42 9.79
C GLY B 217 -11.48 -10.29 8.71
N ASP B 218 -10.50 -9.42 8.94
CA ASP B 218 -9.47 -9.12 7.95
C ASP B 218 -8.18 -9.87 8.22
N THR B 219 -8.16 -10.69 9.27
CA THR B 219 -7.00 -11.52 9.53
C THR B 219 -6.82 -12.50 8.37
N PRO B 220 -5.59 -12.70 7.91
CA PRO B 220 -5.36 -13.75 6.91
C PRO B 220 -5.73 -15.11 7.46
N THR B 221 -6.34 -15.93 6.61
CA THR B 221 -6.93 -17.18 7.05
C THR B 221 -5.91 -18.03 7.78
N ARG B 222 -4.68 -18.00 7.33
CA ARG B 222 -3.72 -18.95 7.90
C ARG B 222 -3.34 -18.65 9.35
N MET B 223 -3.40 -17.40 9.81
CA MET B 223 -2.91 -17.02 11.12
C MET B 223 -3.60 -17.80 12.25
N PHE B 224 -4.92 -17.86 12.21
CA PHE B 224 -5.64 -18.55 13.26
C PHE B 224 -6.60 -19.59 12.68
N PHE B 225 -6.22 -20.17 11.54
CA PHE B 225 -6.94 -21.29 10.96
C PHE B 225 -7.18 -22.40 11.99
N ASP B 226 -6.13 -22.73 12.76
CA ASP B 226 -6.23 -23.77 13.77
C ASP B 226 -7.34 -23.46 14.78
N ASN B 227 -7.51 -22.18 15.13
CA ASN B 227 -8.60 -21.79 16.01
C ASN B 227 -9.96 -22.22 15.44
N ILE B 228 -10.20 -21.90 14.17
CA ILE B 228 -11.46 -22.25 13.54
C ILE B 228 -11.67 -23.75 13.53
N VAL B 229 -10.65 -24.49 13.10
CA VAL B 229 -10.78 -25.94 13.01
C VAL B 229 -11.06 -26.55 14.38
N THR B 230 -10.32 -26.13 15.40
CA THR B 230 -10.50 -26.67 16.74
C THR B 230 -11.88 -26.37 17.28
N ALA B 231 -12.29 -25.10 17.19
CA ALA B 231 -13.61 -24.72 17.71
C ALA B 231 -14.74 -25.45 17.00
N SER B 232 -14.64 -25.56 15.67
CA SER B 232 -15.72 -26.21 14.93
C SER B 232 -15.77 -27.70 15.21
N LYS B 233 -14.61 -28.35 15.36
CA LYS B 233 -14.60 -29.77 15.67
C LYS B 233 -15.13 -30.02 17.08
N ALA B 234 -14.85 -29.11 18.02
CA ALA B 234 -15.36 -29.28 19.38
C ALA B 234 -16.82 -28.87 19.53
N GLY B 235 -17.42 -28.26 18.51
CA GLY B 235 -18.78 -27.79 18.62
C GLY B 235 -18.93 -26.45 19.28
N ILE B 236 -17.86 -25.67 19.39
CA ILE B 236 -17.86 -24.37 20.04
C ILE B 236 -18.34 -23.32 19.04
N PRO B 237 -19.22 -22.40 19.44
CA PRO B 237 -19.59 -21.30 18.54
C PRO B 237 -18.36 -20.50 18.13
N ILE B 238 -18.09 -20.50 16.83
CA ILE B 238 -16.94 -19.83 16.26
C ILE B 238 -17.45 -18.87 15.20
N ALA B 239 -16.97 -17.63 15.24
CA ALA B 239 -17.45 -16.60 14.33
C ALA B 239 -16.34 -15.58 14.12
N THR B 240 -16.58 -14.68 13.17
CA THR B 240 -15.67 -13.59 12.87
C THR B 240 -16.29 -12.28 13.30
N LEU B 241 -15.43 -11.34 13.75
CA LEU B 241 -15.84 -9.99 14.09
C LEU B 241 -14.93 -8.99 13.38
N PRO B 242 -15.43 -7.78 13.10
CA PRO B 242 -14.64 -6.81 12.34
C PRO B 242 -13.29 -6.51 13.01
N GLY B 243 -12.29 -6.30 12.18
CA GLY B 243 -10.95 -6.04 12.64
C GLY B 243 -10.00 -7.20 12.36
N MET B 244 -8.87 -7.19 13.06
CA MET B 244 -7.85 -8.26 12.90
C MET B 244 -7.49 -8.84 14.28
N HIS B 245 -6.41 -8.35 14.88
CA HIS B 245 -5.96 -8.81 16.18
C HIS B 245 -6.38 -7.91 17.32
N PHE B 246 -6.63 -6.62 17.05
CA PHE B 246 -7.07 -5.66 18.07
C PHE B 246 -8.42 -5.08 17.65
N PRO B 247 -9.48 -5.89 17.68
CA PRO B 247 -10.80 -5.36 17.32
C PRO B 247 -11.27 -4.24 18.22
N TYR B 248 -10.92 -4.27 19.51
CA TYR B 248 -11.33 -3.21 20.41
C TYR B 248 -10.67 -1.88 20.08
N VAL B 249 -9.53 -1.89 19.37
CA VAL B 249 -8.87 -0.66 18.94
C VAL B 249 -9.41 -0.25 17.57
N SER B 250 -9.30 -1.14 16.59
CA SER B 250 -9.64 -0.78 15.22
C SER B 250 -11.14 -0.59 15.02
N HIS B 251 -11.97 -1.34 15.74
CA HIS B 251 -13.42 -1.32 15.54
C HIS B 251 -14.11 -1.38 16.89
N PRO B 252 -14.00 -0.33 17.71
CA PRO B 252 -14.54 -0.40 19.08
C PRO B 252 -16.05 -0.64 19.14
N GLU B 253 -16.83 0.00 18.28
CA GLU B 253 -18.28 -0.09 18.38
C GLU B 253 -18.77 -1.52 18.14
N VAL B 254 -18.26 -2.17 17.10
CA VAL B 254 -18.69 -3.53 16.82
C VAL B 254 -18.14 -4.50 17.86
N LEU B 255 -16.95 -4.23 18.40
CA LEU B 255 -16.44 -5.03 19.51
C LEU B 255 -17.39 -4.98 20.70
N VAL B 256 -17.89 -3.78 21.02
CA VAL B 256 -18.80 -3.63 22.14
C VAL B 256 -20.14 -4.29 21.85
N LYS B 257 -20.63 -4.15 20.62
CA LYS B 257 -21.86 -4.83 20.24
C LYS B 257 -21.74 -6.33 20.42
N HIS B 258 -20.61 -6.90 19.98
CA HIS B 258 -20.38 -8.33 20.12
C HIS B 258 -20.34 -8.76 21.57
N ILE B 259 -19.54 -8.05 22.39
CA ILE B 259 -19.45 -8.35 23.82
C ILE B 259 -20.83 -8.34 24.44
N VAL B 260 -21.58 -7.26 24.21
CA VAL B 260 -22.87 -7.08 24.87
C VAL B 260 -23.87 -8.15 24.42
N ASP B 261 -23.98 -8.39 23.11
CA ASP B 261 -24.95 -9.37 22.63
C ASP B 261 -24.67 -10.75 23.20
N THR B 262 -23.41 -11.18 23.16
CA THR B 262 -23.09 -12.51 23.66
C THR B 262 -23.30 -12.60 25.15
N THR B 263 -22.82 -11.60 25.91
CA THR B 263 -23.04 -11.62 27.36
C THR B 263 -24.52 -11.63 27.70
N ARG B 264 -25.32 -10.86 26.97
CA ARG B 264 -26.75 -10.78 27.27
C ARG B 264 -27.45 -12.09 26.99
N LYS B 265 -26.92 -12.90 26.07
CA LYS B 265 -27.57 -14.18 25.83
C LYS B 265 -27.36 -15.20 26.97
N TYR B 266 -26.50 -14.90 27.97
CA TYR B 266 -26.21 -15.86 29.03
C TYR B 266 -26.35 -15.24 30.41
N LEU B 267 -27.04 -14.10 30.53
CA LEU B 267 -27.26 -13.48 31.83
C LEU B 267 -28.21 -14.32 32.70
N MET C 1 -18.78 12.66 -34.21
CA MET C 1 -17.91 12.75 -33.05
C MET C 1 -16.47 12.38 -33.39
N ARG C 2 -15.95 11.32 -32.77
CA ARG C 2 -14.66 10.76 -33.16
C ARG C 2 -14.71 10.17 -34.56
N THR C 3 -13.74 10.55 -35.39
CA THR C 3 -13.52 9.90 -36.68
C THR C 3 -12.18 9.17 -36.62
N ARG C 4 -12.14 7.98 -37.19
CA ARG C 4 -10.94 7.15 -37.18
C ARG C 4 -10.67 6.63 -38.59
N SER C 5 -9.39 6.47 -38.92
CA SER C 5 -9.01 5.89 -40.19
C SER C 5 -7.55 5.45 -40.11
N THR C 6 -7.10 4.83 -41.20
CA THR C 6 -5.72 4.40 -41.35
C THR C 6 -5.20 4.94 -42.67
N LEU C 7 -3.98 5.47 -42.72
CA LEU C 7 -3.34 6.03 -43.93
C LEU C 7 -1.81 5.85 -43.92
N THR C 8 -1.25 5.67 -45.10
CA THR C 8 0.20 5.54 -45.24
C THR C 8 0.84 6.85 -45.67
N ASP C 9 1.98 7.17 -45.06
CA ASP C 9 2.81 8.29 -45.46
C ASP C 9 4.07 7.78 -46.17
N LYS C 10 4.84 8.71 -46.74
CA LYS C 10 5.99 8.34 -47.57
C LYS C 10 7.03 7.51 -46.83
N ASN C 11 7.10 7.62 -45.50
CA ASN C 11 8.06 6.81 -44.76
C ASN C 11 7.76 5.32 -44.85
N GLY C 12 6.53 4.96 -45.21
CA GLY C 12 6.05 3.60 -45.16
C GLY C 12 5.28 3.26 -43.92
N ILE C 13 5.01 4.25 -43.07
CA ILE C 13 4.24 4.02 -41.84
C ILE C 13 2.76 4.01 -42.19
N THR C 14 2.06 2.94 -41.83
CA THR C 14 0.61 2.90 -41.96
C THR C 14 0.02 3.38 -40.63
N TRP C 15 -0.29 4.66 -40.58
CA TRP C 15 -0.76 5.28 -39.36
C TRP C 15 -2.20 4.92 -39.06
N TYR C 16 -2.51 4.74 -37.78
CA TYR C 16 -3.87 4.83 -37.29
C TYR C 16 -4.04 6.18 -36.60
N TYR C 17 -5.13 6.88 -36.91
CA TYR C 17 -5.33 8.22 -36.36
C TYR C 17 -6.78 8.41 -35.96
N GLU C 18 -7.01 9.41 -35.11
CA GLU C 18 -8.33 9.79 -34.67
C GLU C 18 -8.44 11.32 -34.68
N GLN C 19 -9.62 11.82 -35.01
CA GLN C 19 -9.90 13.24 -35.03
C GLN C 19 -11.27 13.52 -34.45
N GLU C 20 -11.43 14.69 -33.83
CA GLU C 20 -12.72 15.07 -33.27
C GLU C 20 -12.78 16.58 -33.10
N GLY C 21 -13.93 17.15 -33.46
CA GLY C 21 -14.21 18.55 -33.22
C GLY C 21 -13.86 19.45 -34.41
N SER C 22 -14.03 20.74 -34.17
CA SER C 22 -13.76 21.77 -35.18
C SER C 22 -13.16 22.98 -34.50
N GLY C 23 -12.39 23.74 -35.27
CA GLY C 23 -11.69 24.90 -34.74
C GLY C 23 -10.19 24.80 -34.91
N PRO C 24 -9.43 25.54 -34.11
CA PRO C 24 -7.97 25.44 -34.15
C PRO C 24 -7.49 24.03 -33.80
N HIS C 25 -6.37 23.65 -34.41
CA HIS C 25 -5.85 22.29 -34.29
C HIS C 25 -5.06 22.08 -33.00
N VAL C 26 -5.38 21.00 -32.29
CA VAL C 26 -4.58 20.50 -31.17
C VAL C 26 -4.18 19.08 -31.48
N VAL C 27 -2.88 18.79 -31.37
CA VAL C 27 -2.33 17.47 -31.67
C VAL C 27 -1.80 16.87 -30.37
N LEU C 28 -2.29 15.68 -30.03
CA LEU C 28 -1.89 14.98 -28.81
C LEU C 28 -0.96 13.83 -29.21
N ILE C 29 0.32 14.03 -29.00
CA ILE C 29 1.35 12.98 -29.25
C ILE C 29 1.38 12.04 -28.03
N PRO C 30 1.24 10.71 -28.21
CA PRO C 30 1.27 9.78 -27.09
C PRO C 30 2.65 9.66 -26.43
N ASP C 31 2.72 8.94 -25.32
CA ASP C 31 4.00 8.69 -24.68
C ASP C 31 4.68 7.52 -25.41
N GLY C 32 5.75 7.03 -24.85
CA GLY C 32 6.52 5.98 -25.50
C GLY C 32 5.71 4.75 -25.88
N LEU C 33 4.68 4.44 -25.10
CA LEU C 33 3.84 3.28 -25.42
C LEU C 33 3.09 3.46 -26.73
N GLY C 34 2.93 4.69 -27.20
CA GLY C 34 2.34 4.94 -28.49
C GLY C 34 0.88 4.55 -28.64
N GLU C 35 0.13 4.50 -27.54
CA GLU C 35 -1.26 4.09 -27.56
C GLU C 35 -2.13 5.33 -27.36
N CYS C 36 -2.77 5.78 -28.44
CA CYS C 36 -3.53 7.02 -28.40
C CYS C 36 -4.89 6.87 -27.70
N HIS C 37 -5.33 5.64 -27.41
CA HIS C 37 -6.56 5.47 -26.64
C HIS C 37 -6.45 6.05 -25.24
N MET C 38 -5.22 6.26 -24.75
CA MET C 38 -5.04 6.96 -23.48
C MET C 38 -5.66 8.35 -23.51
N MET C 39 -5.83 8.94 -24.70
CA MET C 39 -6.45 10.24 -24.85
C MET C 39 -7.95 10.17 -25.08
N ASP C 40 -8.55 8.98 -25.05
CA ASP C 40 -9.94 8.82 -25.44
C ASP C 40 -10.87 9.68 -24.59
N LYS C 41 -10.68 9.67 -23.27
CA LYS C 41 -11.51 10.46 -22.39
C LYS C 41 -11.24 11.97 -22.51
N PRO C 42 -9.99 12.40 -22.59
CA PRO C 42 -9.74 13.85 -22.71
C PRO C 42 -10.26 14.48 -23.99
N MET C 43 -10.17 13.79 -25.12
CA MET C 43 -10.36 14.43 -26.42
C MET C 43 -11.72 15.11 -26.52
N SER C 44 -12.79 14.39 -26.19
CA SER C 44 -14.12 14.97 -26.21
C SER C 44 -14.19 16.27 -25.41
N MET C 45 -13.58 16.28 -24.22
CA MET C 45 -13.57 17.48 -23.40
C MET C 45 -12.80 18.62 -24.05
N ILE C 46 -11.71 18.30 -24.77
CA ILE C 46 -10.97 19.37 -25.45
C ILE C 46 -11.76 19.88 -26.64
N ALA C 47 -12.26 18.95 -27.48
CA ALA C 47 -12.99 19.34 -28.67
C ALA C 47 -14.22 20.17 -28.32
N GLY C 48 -14.89 19.84 -27.22
CA GLY C 48 -16.06 20.58 -26.79
C GLY C 48 -15.78 22.03 -26.49
N MET C 49 -14.52 22.39 -26.26
CA MET C 49 -14.15 23.78 -26.03
C MET C 49 -13.88 24.54 -27.31
N GLY C 50 -14.21 23.96 -28.47
CA GLY C 50 -14.04 24.63 -29.75
C GLY C 50 -12.72 24.39 -30.43
N PHE C 51 -12.24 23.14 -30.42
CA PHE C 51 -10.98 22.78 -31.04
C PHE C 51 -11.12 21.49 -31.85
N THR C 52 -10.32 21.39 -32.91
CA THR C 52 -10.15 20.15 -33.64
C THR C 52 -8.97 19.39 -33.01
N CYS C 53 -9.25 18.25 -32.41
CA CYS C 53 -8.24 17.46 -31.75
C CYS C 53 -7.84 16.27 -32.63
N THR C 54 -6.54 16.08 -32.79
CA THR C 54 -6.01 14.99 -33.60
C THR C 54 -5.02 14.17 -32.76
N THR C 55 -5.13 12.85 -32.85
CA THR C 55 -4.16 11.95 -32.23
C THR C 55 -3.95 10.76 -33.15
N PHE C 56 -3.00 9.91 -32.77
CA PHE C 56 -2.60 8.78 -33.60
C PHE C 56 -1.75 7.83 -32.76
N ASP C 57 -1.74 6.57 -33.17
CA ASP C 57 -0.79 5.61 -32.61
C ASP C 57 0.58 5.86 -33.23
N MET C 58 1.63 5.69 -32.41
CA MET C 58 2.98 5.99 -32.84
C MET C 58 3.51 4.87 -33.74
N PRO C 59 4.50 5.17 -34.59
CA PRO C 59 5.00 4.16 -35.53
C PRO C 59 5.48 2.90 -34.83
N GLY C 60 4.99 1.75 -35.30
CA GLY C 60 5.34 0.48 -34.73
C GLY C 60 4.53 0.07 -33.51
N PHE C 61 3.59 0.89 -33.07
CA PHE C 61 2.84 0.62 -31.85
C PHE C 61 1.35 0.57 -32.12
N SER C 62 0.67 -0.34 -31.42
CA SER C 62 -0.80 -0.49 -31.45
C SER C 62 -1.26 -0.59 -32.91
N ARG C 63 -2.21 0.22 -33.36
CA ARG C 63 -2.75 0.08 -34.70
C ARG C 63 -1.86 0.72 -35.77
N SER C 64 -0.75 1.35 -35.37
CA SER C 64 0.28 1.81 -36.28
C SER C 64 1.46 0.86 -36.32
N TRP C 65 1.25 -0.41 -35.91
CA TRP C 65 2.35 -1.36 -35.74
C TRP C 65 2.96 -1.75 -37.09
N ASP C 66 2.20 -1.69 -38.18
CA ASP C 66 2.73 -2.00 -39.51
C ASP C 66 3.54 -0.80 -39.99
N ALA C 67 4.82 -0.81 -39.68
CA ALA C 67 5.72 0.29 -39.97
C ALA C 67 7.12 -0.27 -40.18
N PRO C 68 7.97 0.43 -40.92
CA PRO C 68 9.34 -0.05 -41.13
C PRO C 68 10.13 -0.07 -39.83
N PRO C 69 11.00 -1.06 -39.65
CA PRO C 69 11.73 -1.16 -38.37
C PRO C 69 12.52 0.10 -37.99
N GLU C 70 13.08 0.89 -38.92
CA GLU C 70 13.84 2.04 -38.43
C GLU C 70 12.96 3.04 -37.71
N THR C 71 11.65 3.04 -37.95
CA THR C 71 10.80 4.03 -37.33
C THR C 71 10.53 3.74 -35.86
N TYR C 72 10.84 2.53 -35.39
CA TYR C 72 10.70 2.20 -33.98
C TYR C 72 11.93 1.51 -33.43
N GLN C 73 13.06 1.61 -34.13
CA GLN C 73 14.36 1.18 -33.62
C GLN C 73 15.31 2.36 -33.66
N ASP C 74 16.16 2.47 -32.64
CA ASP C 74 17.11 3.58 -32.50
C ASP C 74 16.40 4.92 -32.62
N VAL C 75 15.27 5.03 -31.91
CA VAL C 75 14.38 6.18 -32.06
C VAL C 75 15.00 7.41 -31.43
N THR C 76 14.90 8.55 -32.12
CA THR C 76 15.32 9.84 -31.61
C THR C 76 14.15 10.83 -31.69
N ALA C 77 14.28 11.91 -30.94
CA ALA C 77 13.28 12.97 -30.99
C ALA C 77 13.13 13.55 -32.39
N GLN C 78 14.25 13.63 -33.12
CA GLN C 78 14.23 14.18 -34.47
C GLN C 78 13.42 13.29 -35.41
N LYS C 79 13.65 11.97 -35.35
CA LYS C 79 12.89 11.04 -36.18
C LYS C 79 11.40 11.12 -35.88
N LEU C 80 11.05 11.14 -34.59
CA LEU C 80 9.65 11.23 -34.20
C LEU C 80 9.02 12.53 -34.68
N ALA C 81 9.79 13.64 -34.61
CA ALA C 81 9.27 14.91 -35.11
C ALA C 81 9.00 14.83 -36.59
N SER C 82 9.90 14.22 -37.36
CA SER C 82 9.67 14.07 -38.80
C SER C 82 8.44 13.21 -39.09
N TYR C 83 8.26 12.12 -38.34
CA TYR C 83 7.09 11.26 -38.55
C TYR C 83 5.80 12.01 -38.23
N VAL C 84 5.80 12.75 -37.12
CA VAL C 84 4.63 13.53 -36.73
C VAL C 84 4.32 14.58 -37.79
N ILE C 85 5.36 15.22 -38.34
CA ILE C 85 5.14 16.18 -39.41
C ILE C 85 4.52 15.49 -40.63
N SER C 86 4.97 14.29 -40.96
CA SER C 86 4.40 13.56 -42.10
C SER C 86 2.90 13.32 -41.91
N ILE C 87 2.53 12.77 -40.75
CA ILE C 87 1.11 12.46 -40.53
C ILE C 87 0.29 13.75 -40.46
N LEU C 88 0.87 14.81 -39.89
CA LEU C 88 0.18 16.09 -39.79
C LEU C 88 -0.04 16.69 -41.18
N ASP C 89 0.95 16.58 -42.05
CA ASP C 89 0.80 17.04 -43.42
C ASP C 89 -0.31 16.30 -44.13
N GLU C 90 -0.31 14.96 -44.04
CA GLU C 90 -1.34 14.21 -44.76
C GLU C 90 -2.74 14.49 -44.20
N LEU C 91 -2.87 14.79 -42.90
CA LEU C 91 -4.19 15.21 -42.42
C LEU C 91 -4.46 16.68 -42.75
N HIS C 92 -3.55 17.28 -43.51
CA HIS C 92 -3.51 18.67 -43.95
C HIS C 92 -3.83 19.54 -42.73
N ILE C 93 -3.03 19.38 -41.69
CA ILE C 93 -2.99 20.39 -40.63
C ILE C 93 -1.81 21.30 -40.91
N ASP C 94 -2.08 22.61 -40.90
CA ASP C 94 -1.04 23.57 -41.23
C ASP C 94 -0.18 23.93 -40.02
N TYR C 95 -0.83 24.25 -38.91
CA TYR C 95 -0.20 24.79 -37.72
C TYR C 95 -1.07 24.33 -36.56
N ALA C 96 -0.44 23.95 -35.46
CA ALA C 96 -1.21 23.31 -34.41
C ALA C 96 -0.51 23.46 -33.07
N THR C 97 -1.31 23.31 -32.02
CA THR C 97 -0.78 23.12 -30.68
C THR C 97 -0.43 21.65 -30.51
N PHE C 98 0.75 21.37 -29.96
CA PHE C 98 1.23 20.01 -29.79
C PHE C 98 1.40 19.69 -28.31
N TRP C 99 0.80 18.60 -27.87
CA TRP C 99 1.04 18.04 -26.56
C TRP C 99 1.88 16.79 -26.71
N GLY C 100 2.80 16.59 -25.77
CA GLY C 100 3.58 15.37 -25.74
C GLY C 100 4.13 15.07 -24.36
N CYS C 101 4.07 13.81 -23.95
CA CYS C 101 4.66 13.37 -22.70
C CYS C 101 5.78 12.38 -22.97
N SER C 102 6.84 12.45 -22.16
CA SER C 102 8.00 11.55 -22.24
C SER C 102 8.59 11.69 -23.64
N SER C 103 8.73 10.61 -24.43
CA SER C 103 9.26 10.73 -25.77
C SER C 103 8.41 11.67 -26.62
N GLY C 104 7.09 11.61 -26.46
CA GLY C 104 6.24 12.58 -27.13
C GLY C 104 6.62 14.00 -26.78
N GLY C 105 6.89 14.24 -25.48
CA GLY C 105 7.41 15.54 -25.08
C GLY C 105 8.73 15.85 -25.76
N ALA C 106 9.62 14.86 -25.81
CA ALA C 106 10.86 15.01 -26.57
C ALA C 106 10.54 15.38 -28.01
N THR C 107 9.53 14.73 -28.60
CA THR C 107 9.09 15.09 -29.94
C THR C 107 8.66 16.56 -29.98
N VAL C 108 7.85 16.99 -29.01
CA VAL C 108 7.35 18.36 -29.00
C VAL C 108 8.51 19.35 -29.03
N LEU C 109 9.51 19.12 -28.18
CA LEU C 109 10.68 19.99 -28.18
C LEU C 109 11.36 19.96 -29.54
N ALA C 110 11.53 18.76 -30.11
CA ALA C 110 12.11 18.67 -31.45
C ALA C 110 11.25 19.40 -32.48
N LEU C 111 9.93 19.43 -32.25
CA LEU C 111 9.06 20.20 -33.14
C LEU C 111 9.28 21.69 -32.95
N ALA C 112 9.53 22.13 -31.71
CA ALA C 112 9.84 23.53 -31.47
C ALA C 112 11.17 23.92 -32.09
N ALA C 113 12.16 23.04 -32.00
CA ALA C 113 13.51 23.39 -32.44
C ALA C 113 13.63 23.43 -33.95
N ASP C 114 13.02 22.47 -34.65
CA ASP C 114 13.29 22.26 -36.06
C ASP C 114 12.09 22.51 -36.98
N TYR C 115 10.88 22.62 -36.44
CA TYR C 115 9.70 22.95 -37.25
C TYR C 115 8.87 24.07 -36.61
N PRO C 116 9.50 25.17 -36.18
CA PRO C 116 8.75 26.19 -35.44
C PRO C 116 7.61 26.82 -36.24
N GLU C 117 7.74 26.89 -37.56
CA GLU C 117 6.67 27.44 -38.39
C GLU C 117 5.39 26.64 -38.31
N ARG C 118 5.46 25.37 -37.91
CA ARG C 118 4.29 24.51 -37.83
C ARG C 118 3.66 24.47 -36.44
N MET C 119 4.31 25.06 -35.45
CA MET C 119 3.87 24.95 -34.06
C MET C 119 3.32 26.30 -33.58
N ARG C 120 2.04 26.31 -33.19
CA ARG C 120 1.47 27.49 -32.55
C ARG C 120 2.00 27.66 -31.12
N ASN C 121 1.91 26.61 -30.32
CA ASN C 121 2.43 26.61 -28.95
C ASN C 121 2.62 25.16 -28.54
N GLY C 122 3.54 24.94 -27.60
CA GLY C 122 3.98 23.60 -27.25
C GLY C 122 3.72 23.27 -25.79
N LEU C 123 3.38 22.01 -25.53
CA LEU C 123 3.15 21.50 -24.18
C LEU C 123 3.90 20.19 -24.01
N PRO C 124 5.07 20.20 -23.37
CA PRO C 124 5.75 18.93 -23.06
C PRO C 124 5.60 18.55 -21.61
N HIS C 125 5.58 17.25 -21.34
CA HIS C 125 5.36 16.72 -20.00
C HIS C 125 6.38 15.64 -19.72
N GLU C 126 7.18 15.84 -18.67
CA GLU C 126 8.09 14.81 -18.17
C GLU C 126 8.98 14.26 -19.28
N VAL C 127 9.86 15.13 -19.77
CA VAL C 127 10.75 14.76 -20.87
C VAL C 127 11.93 13.98 -20.31
N PRO C 128 12.20 12.78 -20.81
CA PRO C 128 13.39 12.04 -20.36
C PRO C 128 14.64 12.63 -20.99
N THR C 129 15.61 13.00 -20.15
CA THR C 129 16.84 13.61 -20.61
C THR C 129 18.11 12.92 -20.10
N ALA C 130 17.99 11.93 -19.24
CA ALA C 130 19.17 11.27 -18.70
C ALA C 130 18.93 9.76 -18.63
N ALA C 131 20.02 9.02 -18.49
CA ALA C 131 19.93 7.56 -18.39
C ALA C 131 19.37 7.12 -17.05
N GLY C 132 19.50 7.98 -16.03
CA GLY C 132 19.01 7.67 -14.68
C GLY C 132 17.73 8.41 -14.35
N PRO C 133 17.44 9.56 -14.99
CA PRO C 133 16.22 10.32 -14.71
C PRO C 133 14.96 9.63 -15.24
N HIS C 134 14.48 8.61 -14.51
CA HIS C 134 13.26 7.84 -14.91
C HIS C 134 12.72 7.07 -13.71
N PHE C 135 11.40 7.03 -13.48
CA PHE C 135 10.97 6.26 -12.28
C PHE C 135 10.57 4.86 -12.71
N GLY C 136 11.58 4.05 -13.05
CA GLY C 136 11.48 2.63 -13.44
C GLY C 136 12.60 1.80 -12.84
N GLN C 137 13.35 1.03 -13.63
CA GLN C 137 14.58 0.33 -13.14
C GLN C 137 15.55 0.08 -14.31
N LEU C 138 16.25 1.14 -14.75
CA LEU C 138 17.27 1.07 -15.83
C LEU C 138 16.65 0.41 -17.08
N LEU C 139 15.69 1.09 -17.72
CA LEU C 139 15.03 0.57 -18.92
C LEU C 139 16.04 0.08 -19.95
N LYS C 140 17.15 0.75 -20.04
CA LYS C 140 18.15 0.51 -21.02
C LYS C 140 18.79 -0.85 -20.91
N LEU C 141 18.40 -1.61 -19.89
CA LEU C 141 18.81 -3.00 -19.76
C LEU C 141 17.71 -3.97 -20.16
N ALA C 142 16.45 -3.50 -20.15
CA ALA C 142 15.30 -4.36 -20.40
C ALA C 142 15.39 -5.05 -21.76
N GLU C 143 16.10 -4.46 -22.72
CA GLU C 143 16.17 -5.04 -24.06
C GLU C 143 16.84 -6.41 -24.03
N MET C 144 17.60 -6.72 -22.97
CA MET C 144 18.27 -8.02 -22.91
C MET C 144 17.31 -9.16 -22.61
N GLU C 145 16.12 -8.86 -22.09
CA GLU C 145 15.17 -9.87 -21.66
C GLU C 145 14.29 -10.38 -22.81
N ASP C 146 13.57 -11.46 -22.53
CA ASP C 146 12.60 -12.03 -23.48
C ASP C 146 11.35 -11.17 -23.54
N GLU C 147 10.60 -11.33 -24.65
CA GLU C 147 9.46 -10.46 -24.90
C GLU C 147 8.44 -10.54 -23.77
N ALA C 148 8.06 -11.76 -23.39
CA ALA C 148 7.04 -11.93 -22.35
C ALA C 148 7.48 -11.29 -21.04
N ILE C 149 8.73 -11.50 -20.64
CA ILE C 149 9.16 -10.94 -19.35
C ILE C 149 9.36 -9.43 -19.46
N VAL C 150 9.74 -8.92 -20.63
CA VAL C 150 9.81 -7.47 -20.81
C VAL C 150 8.42 -6.86 -20.65
N LYS C 151 7.44 -7.40 -21.37
CA LYS C 151 6.07 -6.89 -21.28
C LYS C 151 5.49 -7.05 -19.89
N MET C 152 5.87 -8.08 -19.14
CA MET C 152 5.24 -8.25 -17.84
C MET C 152 5.91 -7.39 -16.78
N LEU C 153 7.23 -7.23 -16.88
CA LEU C 153 7.93 -6.24 -16.09
C LEU C 153 7.40 -4.84 -16.38
N GLY C 154 7.18 -4.55 -17.66
CA GLY C 154 6.56 -3.31 -18.07
C GLY C 154 5.23 -3.14 -17.40
N GLU C 155 4.23 -3.93 -17.79
CA GLU C 155 2.86 -3.73 -17.34
C GLU C 155 2.71 -3.81 -15.81
N GLU C 156 3.66 -4.42 -15.10
CA GLU C 156 3.55 -4.35 -13.65
C GLU C 156 4.05 -3.03 -13.09
N MET C 157 4.90 -2.32 -13.82
CA MET C 157 5.51 -1.13 -13.24
C MET C 157 4.76 0.18 -13.47
N PRO C 158 4.24 0.50 -14.66
CA PRO C 158 3.76 1.87 -14.87
C PRO C 158 2.46 2.14 -14.15
N LYS C 159 1.72 1.09 -13.80
CA LYS C 159 0.41 1.27 -13.19
C LYS C 159 0.53 1.99 -11.84
N LEU C 160 1.53 1.65 -11.01
CA LEU C 160 1.79 2.39 -9.78
C LEU C 160 2.92 3.40 -9.90
N GLY C 161 3.87 3.15 -10.80
CA GLY C 161 5.00 4.05 -10.97
C GLY C 161 4.70 5.28 -11.80
N PHE C 162 3.76 5.16 -12.74
CA PHE C 162 3.55 6.13 -13.81
C PHE C 162 2.15 6.68 -13.93
N GLY C 163 1.12 5.97 -13.45
CA GLY C 163 -0.23 6.47 -13.46
C GLY C 163 -0.77 6.85 -12.10
N HIS C 164 -0.57 5.95 -11.14
CA HIS C 164 -1.21 6.02 -9.81
C HIS C 164 -2.70 6.34 -9.86
N ASP C 165 -3.45 5.74 -10.81
CA ASP C 165 -4.91 5.68 -10.75
C ASP C 165 -5.26 4.35 -11.41
N PHE C 166 -5.40 3.31 -10.58
CA PHE C 166 -5.54 1.97 -11.14
C PHE C 166 -6.86 1.81 -11.89
N THR C 167 -7.94 2.35 -11.36
CA THR C 167 -9.20 2.22 -12.07
C THR C 167 -9.16 3.02 -13.37
N ALA C 168 -8.49 4.16 -13.39
CA ALA C 168 -8.36 4.92 -14.64
C ALA C 168 -7.40 4.24 -15.60
N TRP C 169 -6.21 3.86 -15.12
CA TRP C 169 -5.27 3.14 -15.98
C TRP C 169 -5.93 1.93 -16.60
N HIS C 170 -6.73 1.24 -15.82
CA HIS C 170 -7.38 0.03 -16.26
C HIS C 170 -8.64 0.25 -17.11
N GLU C 171 -9.31 1.40 -16.99
CA GLU C 171 -10.48 1.67 -17.82
C GLU C 171 -10.15 1.88 -19.29
N LEU C 172 -8.86 2.01 -19.63
CA LEU C 172 -8.46 2.08 -21.04
C LEU C 172 -9.09 0.96 -21.87
N GLY C 173 -9.41 -0.16 -21.23
CA GLY C 173 -10.04 -1.27 -21.90
C GLY C 173 -9.01 -2.30 -22.29
N GLU C 174 -9.49 -3.53 -22.49
CA GLU C 174 -8.53 -4.59 -22.71
C GLU C 174 -7.99 -4.65 -24.13
N GLU C 175 -8.73 -4.18 -25.13
CA GLU C 175 -8.13 -4.13 -26.45
C GLU C 175 -6.90 -3.23 -26.43
N ALA C 176 -7.00 -2.09 -25.73
CA ALA C 176 -5.87 -1.19 -25.58
C ALA C 176 -4.72 -1.84 -24.80
N HIS C 177 -5.04 -2.50 -23.69
CA HIS C 177 -3.99 -3.18 -22.93
C HIS C 177 -3.38 -4.31 -23.74
N ALA C 178 -4.19 -4.93 -24.60
CA ALA C 178 -3.71 -5.96 -25.50
C ALA C 178 -2.70 -5.40 -26.48
N ARG C 179 -2.95 -4.20 -27.00
CA ARG C 179 -1.96 -3.57 -27.86
C ARG C 179 -0.72 -3.14 -27.08
N MET C 180 -0.92 -2.61 -25.86
CA MET C 180 0.19 -2.11 -25.07
C MET C 180 1.15 -3.23 -24.67
N ARG C 181 0.62 -4.41 -24.34
CA ARG C 181 1.49 -5.56 -24.07
C ARG C 181 2.47 -5.75 -25.22
N LYS C 182 1.96 -5.88 -26.44
CA LYS C 182 2.84 -6.07 -27.59
C LYS C 182 3.72 -4.85 -27.86
N ASN C 183 3.31 -3.67 -27.39
CA ASN C 183 4.14 -2.47 -27.56
C ASN C 183 5.37 -2.51 -26.65
N TYR C 184 5.22 -3.06 -25.45
CA TYR C 184 6.28 -2.99 -24.44
C TYR C 184 7.66 -3.41 -24.92
N PRO C 185 7.87 -4.58 -25.55
CA PRO C 185 9.24 -4.93 -25.94
C PRO C 185 9.78 -4.06 -27.05
N ARG C 186 8.94 -3.66 -28.00
CA ARG C 186 9.39 -2.74 -29.04
C ARG C 186 9.83 -1.41 -28.43
N TRP C 187 9.09 -0.96 -27.43
CA TRP C 187 9.44 0.27 -26.68
C TRP C 187 10.80 0.07 -26.03
N ALA C 188 11.00 -1.05 -25.36
CA ALA C 188 12.27 -1.37 -24.67
C ALA C 188 13.43 -1.49 -25.67
N ARG C 189 13.22 -1.99 -26.86
CA ARG C 189 14.32 -2.11 -27.85
C ARG C 189 14.62 -0.77 -28.51
N GLY C 190 13.65 0.11 -28.64
CA GLY C 190 13.85 1.33 -29.42
C GLY C 190 13.70 2.62 -28.67
N TYR C 191 12.96 2.72 -27.57
CA TYR C 191 12.79 4.06 -26.97
C TYR C 191 13.77 4.38 -25.85
N PRO C 192 14.15 3.63 -24.67
CA PRO C 192 15.24 3.82 -23.39
C PRO C 192 16.71 4.19 -23.73
N HIS C 193 17.34 3.53 -24.69
CA HIS C 193 18.77 3.75 -24.99
C HIS C 193 19.07 4.94 -25.88
N THR C 194 18.18 5.26 -26.81
CA THR C 194 18.47 6.29 -27.82
C THR C 194 17.71 7.59 -27.58
N LEU C 195 16.52 7.51 -27.03
CA LEU C 195 15.69 8.71 -27.01
C LEU C 195 16.23 9.79 -26.09
N PRO C 196 16.65 9.64 -24.68
CA PRO C 196 17.00 10.69 -23.69
C PRO C 196 18.03 11.70 -24.18
N LEU C 197 19.02 11.26 -24.95
CA LEU C 197 20.10 12.15 -25.38
C LEU C 197 19.66 13.12 -26.46
N SER C 198 18.50 12.91 -27.08
CA SER C 198 18.13 13.62 -28.30
C SER C 198 17.16 14.78 -28.08
N SER C 199 16.61 14.95 -26.88
CA SER C 199 15.71 16.08 -26.64
C SER C 199 16.48 17.39 -26.72
N PRO C 200 16.14 18.29 -27.65
CA PRO C 200 16.82 19.59 -27.69
C PRO C 200 16.36 20.51 -26.56
N THR C 201 17.18 20.66 -25.52
CA THR C 201 16.83 21.44 -24.35
C THR C 201 17.65 22.71 -24.23
N GLY C 202 18.39 23.08 -25.27
CA GLY C 202 19.09 24.34 -25.26
C GLY C 202 18.11 25.49 -25.23
N LYS C 203 18.56 26.60 -24.63
CA LYS C 203 17.71 27.78 -24.47
C LYS C 203 17.13 28.13 -25.81
N GLU C 204 18.04 28.27 -26.78
CA GLU C 204 17.69 28.74 -28.15
C GLU C 204 16.53 27.95 -28.75
N ASP C 205 16.57 26.61 -28.68
CA ASP C 205 15.46 25.81 -29.16
C ASP C 205 14.21 25.99 -28.29
N LEU C 206 14.37 26.03 -26.97
CA LEU C 206 13.21 26.13 -26.09
C LEU C 206 12.46 27.44 -26.22
N ILE C 207 13.10 28.49 -26.74
CA ILE C 207 12.50 29.81 -26.78
C ILE C 207 11.87 30.13 -28.15
N LYS C 208 12.06 29.25 -29.15
CA LYS C 208 11.60 29.54 -30.50
C LYS C 208 10.10 29.75 -30.58
N ARG C 209 9.33 29.01 -29.78
CA ARG C 209 7.87 29.09 -29.81
C ARG C 209 7.35 29.05 -28.39
N PRO C 210 6.13 29.53 -28.15
CA PRO C 210 5.54 29.46 -26.80
C PRO C 210 5.53 28.04 -26.27
N LEU C 211 6.00 27.87 -25.03
CA LEU C 211 6.24 26.56 -24.46
C LEU C 211 5.80 26.56 -23.01
N ASP C 212 4.92 25.61 -22.66
CA ASP C 212 4.51 25.39 -21.28
C ASP C 212 4.95 23.99 -20.87
N TRP C 213 5.96 23.90 -20.02
CA TRP C 213 6.55 22.64 -19.61
C TRP C 213 5.92 22.21 -18.28
N THR C 214 5.43 20.97 -18.22
CA THR C 214 4.72 20.50 -17.04
C THR C 214 5.34 19.22 -16.50
N VAL C 215 5.07 18.99 -15.22
CA VAL C 215 5.50 17.79 -14.49
C VAL C 215 4.32 17.31 -13.66
N GLY C 216 4.22 15.99 -13.49
CA GLY C 216 3.16 15.43 -12.69
C GLY C 216 3.19 15.89 -11.24
N GLY C 217 2.04 16.36 -10.74
CA GLY C 217 1.97 16.82 -9.36
C GLY C 217 2.38 15.76 -8.36
N ASP C 218 2.05 14.51 -8.65
CA ASP C 218 2.32 13.41 -7.72
C ASP C 218 3.57 12.63 -8.09
N THR C 219 4.27 13.01 -9.14
CA THR C 219 5.55 12.39 -9.42
C THR C 219 6.51 12.74 -8.28
N PRO C 220 7.25 11.78 -7.74
CA PRO C 220 8.34 12.13 -6.83
C PRO C 220 9.42 12.95 -7.53
N THR C 221 9.97 13.91 -6.78
CA THR C 221 10.74 15.03 -7.31
C THR C 221 11.94 14.64 -8.18
N ARG C 222 12.60 13.58 -7.82
CA ARG C 222 13.82 13.17 -8.50
C ARG C 222 13.59 12.74 -9.96
N MET C 223 12.45 12.15 -10.28
CA MET C 223 12.14 11.61 -11.63
C MET C 223 12.45 12.63 -12.73
N PHE C 224 11.86 13.82 -12.66
CA PHE C 224 11.99 14.85 -13.70
C PHE C 224 12.40 16.19 -13.10
N PHE C 225 13.15 16.15 -12.01
CA PHE C 225 13.76 17.34 -11.41
C PHE C 225 14.53 18.17 -12.44
N ASP C 226 15.32 17.48 -13.29
CA ASP C 226 16.11 18.17 -14.31
C ASP C 226 15.23 19.00 -15.22
N ASN C 227 14.01 18.51 -15.52
CA ASN C 227 13.06 19.29 -16.30
C ASN C 227 12.80 20.64 -15.63
N ILE C 228 12.54 20.61 -14.33
CA ILE C 228 12.23 21.84 -13.60
C ILE C 228 13.41 22.80 -13.65
N VAL C 229 14.61 22.29 -13.34
CA VAL C 229 15.79 23.15 -13.32
C VAL C 229 16.02 23.78 -14.68
N THR C 230 15.96 22.96 -15.74
CA THR C 230 16.21 23.45 -17.10
C THR C 230 15.17 24.50 -17.50
N ALA C 231 13.89 24.19 -17.30
CA ALA C 231 12.83 25.12 -17.71
C ALA C 231 12.94 26.43 -16.96
N SER C 232 13.18 26.39 -15.64
CA SER C 232 13.24 27.62 -14.86
C SER C 232 14.47 28.44 -15.21
N LYS C 233 15.61 27.78 -15.47
CA LYS C 233 16.79 28.54 -15.87
C LYS C 233 16.63 29.16 -17.25
N ALA C 234 15.93 28.50 -18.16
CA ALA C 234 15.71 29.05 -19.49
C ALA C 234 14.60 30.09 -19.54
N GLY C 235 13.85 30.28 -18.45
CA GLY C 235 12.73 31.20 -18.46
C GLY C 235 11.45 30.63 -19.02
N ILE C 236 11.34 29.32 -19.12
CA ILE C 236 10.14 28.68 -19.68
C ILE C 236 9.11 28.55 -18.57
N PRO C 237 7.84 28.89 -18.82
CA PRO C 237 6.79 28.65 -17.82
C PRO C 237 6.68 27.16 -17.50
N ILE C 238 6.93 26.82 -16.24
CA ILE C 238 6.88 25.44 -15.78
C ILE C 238 5.98 25.34 -14.56
N ALA C 239 5.12 24.32 -14.54
CA ALA C 239 4.13 24.13 -13.49
C ALA C 239 3.83 22.64 -13.37
N THR C 240 3.06 22.30 -12.34
CA THR C 240 2.60 20.93 -12.16
C THR C 240 1.12 20.83 -12.49
N LEU C 241 0.72 19.67 -12.98
CA LEU C 241 -0.67 19.35 -13.22
C LEU C 241 -0.98 18.02 -12.55
N PRO C 242 -2.23 17.80 -12.14
CA PRO C 242 -2.57 16.58 -11.40
C PRO C 242 -2.21 15.32 -12.17
N GLY C 243 -1.76 14.30 -11.47
CA GLY C 243 -1.35 13.02 -12.07
C GLY C 243 0.15 12.81 -11.98
N MET C 244 0.70 11.93 -12.82
CA MET C 244 2.17 11.71 -12.79
C MET C 244 2.72 11.77 -14.22
N HIS C 245 2.78 10.61 -14.86
CA HIS C 245 3.27 10.42 -16.21
C HIS C 245 2.15 10.32 -17.23
N PHE C 246 0.95 9.91 -16.80
CA PHE C 246 -0.22 9.84 -17.68
C PHE C 246 -1.33 10.73 -17.12
N PRO C 247 -1.14 12.06 -17.14
CA PRO C 247 -2.21 12.94 -16.64
C PRO C 247 -3.50 12.81 -17.42
N TYR C 248 -3.41 12.55 -18.72
CA TYR C 248 -4.62 12.37 -19.53
C TYR C 248 -5.38 11.11 -19.15
N VAL C 249 -4.71 10.13 -18.54
CA VAL C 249 -5.38 8.91 -18.07
C VAL C 249 -5.90 9.12 -16.65
N SER C 250 -5.01 9.47 -15.73
CA SER C 250 -5.39 9.55 -14.32
C SER C 250 -6.29 10.73 -14.01
N HIS C 251 -6.12 11.86 -14.71
CA HIS C 251 -6.84 13.09 -14.42
C HIS C 251 -7.25 13.78 -15.72
N PRO C 252 -8.17 13.17 -16.48
CA PRO C 252 -8.51 13.73 -17.79
C PRO C 252 -9.10 15.13 -17.76
N GLU C 253 -9.96 15.43 -16.79
CA GLU C 253 -10.61 16.74 -16.76
C GLU C 253 -9.60 17.86 -16.52
N VAL C 254 -8.70 17.67 -15.56
CA VAL C 254 -7.71 18.73 -15.35
C VAL C 254 -6.71 18.79 -16.50
N LEU C 255 -6.43 17.64 -17.13
CA LEU C 255 -5.57 17.64 -18.31
C LEU C 255 -6.17 18.48 -19.43
N VAL C 256 -7.48 18.31 -19.68
CA VAL C 256 -8.11 19.08 -20.75
C VAL C 256 -8.22 20.55 -20.37
N LYS C 257 -8.50 20.84 -19.10
CA LYS C 257 -8.52 22.23 -18.66
C LYS C 257 -7.16 22.88 -18.90
N HIS C 258 -6.07 22.18 -18.58
CA HIS C 258 -4.74 22.74 -18.78
C HIS C 258 -4.47 22.97 -20.27
N ILE C 259 -4.72 21.95 -21.09
CA ILE C 259 -4.51 22.06 -22.54
C ILE C 259 -5.29 23.24 -23.09
N VAL C 260 -6.58 23.32 -22.77
CA VAL C 260 -7.43 24.37 -23.33
C VAL C 260 -6.97 25.75 -22.86
N ASP C 261 -6.70 25.88 -21.56
CA ASP C 261 -6.29 27.17 -21.01
C ASP C 261 -5.00 27.65 -21.66
N THR C 262 -4.00 26.78 -21.78
CA THR C 262 -2.74 27.19 -22.39
C THR C 262 -2.91 27.48 -23.86
N THR C 263 -3.61 26.62 -24.59
CA THR C 263 -3.83 26.84 -26.02
C THR C 263 -4.52 28.17 -26.28
N ARG C 264 -5.47 28.54 -25.42
CA ARG C 264 -6.24 29.76 -25.63
C ARG C 264 -5.40 31.03 -25.49
N LYS C 265 -4.28 30.96 -24.76
CA LYS C 265 -3.41 32.12 -24.64
C LYS C 265 -2.60 32.39 -25.91
N TYR C 266 -2.63 31.49 -26.89
CA TYR C 266 -1.73 31.62 -28.04
C TYR C 266 -2.42 31.50 -29.39
N LEU C 267 -3.75 31.66 -29.44
CA LEU C 267 -4.39 31.63 -30.76
C LEU C 267 -4.01 32.83 -31.61
N MET D 1 4.92 -30.31 -25.82
CA MET D 1 4.40 -31.02 -24.61
C MET D 1 2.92 -30.71 -24.44
N ARG D 2 2.54 -29.45 -24.58
CA ARG D 2 1.16 -29.02 -24.53
C ARG D 2 0.51 -29.24 -25.87
N THR D 3 -0.65 -29.86 -25.87
CA THR D 3 -1.45 -29.91 -27.06
C THR D 3 -2.71 -29.09 -26.83
N ARG D 4 -3.17 -28.40 -27.87
CA ARG D 4 -4.38 -27.59 -27.83
C ARG D 4 -5.32 -28.04 -28.94
N SER D 5 -6.63 -27.94 -28.68
CA SER D 5 -7.70 -28.23 -29.64
C SER D 5 -9.01 -27.56 -29.27
N THR D 6 -9.95 -27.79 -30.16
CA THR D 6 -11.35 -27.45 -30.03
C THR D 6 -12.19 -28.66 -30.41
N LEU D 7 -13.33 -28.80 -29.73
CA LEU D 7 -14.27 -29.86 -30.05
C LEU D 7 -15.63 -29.46 -29.49
N THR D 8 -16.67 -30.02 -30.08
CA THR D 8 -18.04 -29.74 -29.67
C THR D 8 -18.63 -30.95 -28.98
N ASP D 9 -19.33 -30.72 -27.88
CA ASP D 9 -20.07 -31.78 -27.20
C ASP D 9 -21.56 -31.60 -27.48
N LYS D 10 -22.34 -32.60 -27.04
CA LYS D 10 -23.76 -32.64 -27.37
C LYS D 10 -24.53 -31.41 -26.91
N ASN D 11 -24.05 -30.70 -25.89
CA ASN D 11 -24.74 -29.50 -25.44
C ASN D 11 -24.74 -28.40 -26.48
N GLY D 12 -23.83 -28.46 -27.45
CA GLY D 12 -23.61 -27.36 -28.36
C GLY D 12 -22.46 -26.47 -27.97
N ILE D 13 -21.71 -26.83 -26.92
CA ILE D 13 -20.57 -26.03 -26.48
C ILE D 13 -19.39 -26.35 -27.38
N THR D 14 -18.75 -25.31 -27.91
CA THR D 14 -17.50 -25.45 -28.65
C THR D 14 -16.37 -25.21 -27.66
N TRP D 15 -15.82 -26.29 -27.11
CA TRP D 15 -14.78 -26.19 -26.09
C TRP D 15 -13.43 -25.86 -26.69
N TYR D 16 -12.65 -25.05 -25.97
CA TYR D 16 -11.20 -25.00 -26.15
C TYR D 16 -10.56 -25.73 -24.98
N TYR D 17 -9.59 -26.61 -25.27
CA TYR D 17 -8.95 -27.39 -24.21
C TYR D 17 -7.46 -27.49 -24.45
N GLU D 18 -6.75 -27.84 -23.38
CA GLU D 18 -5.30 -28.06 -23.39
C GLU D 18 -4.98 -29.33 -22.61
N GLN D 19 -3.97 -30.04 -23.08
CA GLN D 19 -3.50 -31.25 -22.42
C GLN D 19 -1.98 -31.26 -22.42
N GLU D 20 -1.41 -31.93 -21.41
CA GLU D 20 0.03 -32.02 -21.29
C GLU D 20 0.40 -33.22 -20.41
N GLY D 21 1.42 -33.97 -20.84
CA GLY D 21 1.97 -35.01 -20.01
C GLY D 21 1.31 -36.36 -20.24
N SER D 22 1.74 -37.32 -19.43
CA SER D 22 1.23 -38.69 -19.49
C SER D 22 1.15 -39.27 -18.08
N GLY D 23 0.27 -40.24 -17.91
CA GLY D 23 0.04 -40.83 -16.62
C GLY D 23 -1.41 -40.71 -16.20
N PRO D 24 -1.65 -40.80 -14.90
CA PRO D 24 -3.01 -40.59 -14.38
C PRO D 24 -3.53 -39.20 -14.68
N HIS D 25 -4.85 -39.11 -14.86
CA HIS D 25 -5.48 -37.88 -15.30
C HIS D 25 -5.72 -36.91 -14.14
N VAL D 26 -5.32 -35.66 -14.35
CA VAL D 26 -5.66 -34.55 -13.47
C VAL D 26 -6.36 -33.49 -14.30
N VAL D 27 -7.54 -33.07 -13.85
CA VAL D 27 -8.35 -32.08 -14.56
C VAL D 27 -8.40 -30.82 -13.71
N LEU D 28 -8.02 -29.69 -14.31
CA LEU D 28 -8.01 -28.40 -13.64
C LEU D 28 -9.19 -27.58 -14.16
N ILE D 29 -10.23 -27.46 -13.37
CA ILE D 29 -11.39 -26.63 -13.74
C ILE D 29 -11.11 -25.19 -13.31
N PRO D 30 -11.24 -24.21 -14.21
CA PRO D 30 -11.06 -22.82 -13.89
C PRO D 30 -12.04 -22.26 -12.88
N ASP D 31 -11.76 -21.02 -12.46
CA ASP D 31 -12.70 -20.30 -11.61
C ASP D 31 -13.78 -19.69 -12.52
N GLY D 32 -14.59 -18.83 -11.95
CA GLY D 32 -15.70 -18.24 -12.67
C GLY D 32 -15.31 -17.53 -13.95
N LEU D 33 -14.11 -16.95 -14.00
CA LEU D 33 -13.65 -16.29 -15.21
C LEU D 33 -13.47 -17.25 -16.38
N GLY D 34 -13.34 -18.54 -16.11
CA GLY D 34 -13.29 -19.54 -17.16
C GLY D 34 -12.10 -19.43 -18.08
N GLU D 35 -11.00 -18.84 -17.63
CA GLU D 35 -9.81 -18.64 -18.44
C GLU D 35 -8.74 -19.64 -18.00
N CYS D 36 -8.50 -20.66 -18.82
CA CYS D 36 -7.60 -21.73 -18.45
C CYS D 36 -6.13 -21.33 -18.54
N HIS D 37 -5.81 -20.18 -19.15
CA HIS D 37 -4.43 -19.72 -19.15
C HIS D 37 -3.90 -19.44 -17.75
N MET D 38 -4.79 -19.25 -16.78
CA MET D 38 -4.35 -19.13 -15.39
C MET D 38 -3.59 -20.36 -14.92
N MET D 39 -3.79 -21.51 -15.57
CA MET D 39 -3.07 -22.73 -15.24
C MET D 39 -1.79 -22.89 -16.05
N ASP D 40 -1.43 -21.92 -16.89
CA ASP D 40 -0.33 -22.10 -17.83
C ASP D 40 0.96 -22.47 -17.12
N LYS D 41 1.29 -21.77 -16.05
CA LYS D 41 2.51 -22.11 -15.34
C LYS D 41 2.43 -23.37 -14.51
N PRO D 42 1.34 -23.62 -13.77
CA PRO D 42 1.28 -24.84 -12.96
C PRO D 42 1.34 -26.13 -13.76
N MET D 43 0.68 -26.18 -14.93
CA MET D 43 0.44 -27.46 -15.57
C MET D 43 1.73 -28.22 -15.85
N SER D 44 2.70 -27.53 -16.44
CA SER D 44 3.99 -28.17 -16.71
C SER D 44 4.57 -28.78 -15.45
N MET D 45 4.56 -28.01 -14.35
CA MET D 45 5.11 -28.51 -13.09
C MET D 45 4.35 -29.74 -12.62
N ILE D 46 3.03 -29.78 -12.83
CA ILE D 46 2.29 -30.98 -12.48
C ILE D 46 2.62 -32.10 -13.46
N ALA D 47 2.66 -31.78 -14.76
CA ALA D 47 2.90 -32.82 -15.76
C ALA D 47 4.24 -33.49 -15.56
N GLY D 48 5.26 -32.71 -15.15
CA GLY D 48 6.58 -33.26 -14.89
C GLY D 48 6.61 -34.28 -13.78
N MET D 49 5.60 -34.31 -12.92
CA MET D 49 5.51 -35.29 -11.84
C MET D 49 4.87 -36.61 -12.27
N GLY D 50 4.66 -36.80 -13.57
CA GLY D 50 4.11 -38.05 -14.07
C GLY D 50 2.60 -38.08 -14.18
N PHE D 51 2.00 -36.98 -14.62
CA PHE D 51 0.56 -36.91 -14.82
C PHE D 51 0.27 -36.23 -16.15
N THR D 52 -0.83 -36.65 -16.79
CA THR D 52 -1.40 -35.92 -17.91
C THR D 52 -2.46 -34.96 -17.37
N CYS D 53 -2.21 -33.66 -17.53
CA CYS D 53 -3.10 -32.62 -17.02
C CYS D 53 -3.97 -32.09 -18.15
N THR D 54 -5.26 -31.92 -17.86
CA THR D 54 -6.22 -31.40 -18.82
C THR D 54 -6.89 -30.17 -18.23
N THR D 55 -7.03 -29.13 -19.06
CA THR D 55 -7.80 -27.96 -18.70
C THR D 55 -8.54 -27.47 -19.92
N PHE D 56 -9.40 -26.46 -19.71
CA PHE D 56 -10.26 -25.97 -20.77
C PHE D 56 -10.85 -24.64 -20.33
N ASP D 57 -11.23 -23.82 -21.31
CA ASP D 57 -12.02 -22.64 -21.03
C ASP D 57 -13.46 -23.06 -20.76
N MET D 58 -14.12 -22.38 -19.82
CA MET D 58 -15.46 -22.73 -19.42
C MET D 58 -16.48 -22.28 -20.46
N PRO D 59 -17.65 -22.92 -20.52
CA PRO D 59 -18.64 -22.56 -21.54
C PRO D 59 -19.00 -21.09 -21.49
N GLY D 60 -18.95 -20.44 -22.65
CA GLY D 60 -19.26 -19.03 -22.75
C GLY D 60 -18.09 -18.12 -22.44
N PHE D 61 -16.93 -18.64 -22.10
CA PHE D 61 -15.80 -17.83 -21.68
C PHE D 61 -14.58 -18.09 -22.55
N SER D 62 -13.84 -17.02 -22.81
CA SER D 62 -12.55 -17.03 -23.53
C SER D 62 -12.73 -17.78 -24.85
N ARG D 63 -11.91 -18.79 -25.15
CA ARG D 63 -11.96 -19.48 -26.44
C ARG D 63 -13.05 -20.54 -26.50
N SER D 64 -13.76 -20.78 -25.40
CA SER D 64 -14.95 -21.62 -25.41
C SER D 64 -16.23 -20.78 -25.38
N TRP D 65 -16.14 -19.50 -25.74
CA TRP D 65 -17.28 -18.61 -25.60
C TRP D 65 -18.41 -18.91 -26.58
N ASP D 66 -18.12 -19.57 -27.70
CA ASP D 66 -19.19 -19.95 -28.63
C ASP D 66 -19.98 -21.11 -28.02
N ALA D 67 -21.00 -20.80 -27.24
CA ALA D 67 -21.77 -21.78 -26.50
C ALA D 67 -23.20 -21.28 -26.36
N PRO D 68 -24.17 -22.18 -26.18
CA PRO D 68 -25.56 -21.74 -26.03
C PRO D 68 -25.75 -20.95 -24.74
N PRO D 69 -26.62 -19.94 -24.77
CA PRO D 69 -26.83 -19.10 -23.56
C PRO D 69 -27.17 -19.88 -22.31
N GLU D 70 -27.84 -21.02 -22.44
CA GLU D 70 -28.22 -21.81 -21.27
C GLU D 70 -27.00 -22.31 -20.51
N THR D 71 -25.86 -22.43 -21.18
CA THR D 71 -24.65 -22.92 -20.53
C THR D 71 -23.91 -21.86 -19.72
N TYR D 72 -24.22 -20.58 -19.90
CA TYR D 72 -23.55 -19.53 -19.13
C TYR D 72 -24.51 -18.51 -18.53
N GLN D 73 -25.80 -18.83 -18.50
CA GLN D 73 -26.78 -18.01 -17.79
C GLN D 73 -27.49 -18.89 -16.77
N ASP D 74 -27.80 -18.32 -15.61
CA ASP D 74 -28.41 -19.06 -14.51
C ASP D 74 -27.58 -20.30 -14.18
N VAL D 75 -26.26 -20.08 -14.08
CA VAL D 75 -25.32 -21.19 -13.95
C VAL D 75 -25.43 -21.81 -12.55
N THR D 76 -25.41 -23.13 -12.51
CA THR D 76 -25.40 -23.86 -11.24
C THR D 76 -24.21 -24.81 -11.23
N ALA D 77 -23.86 -25.26 -10.02
CA ALA D 77 -22.80 -26.25 -9.88
C ALA D 77 -23.14 -27.53 -10.63
N GLN D 78 -24.41 -27.91 -10.63
CA GLN D 78 -24.84 -29.13 -11.31
C GLN D 78 -24.64 -29.02 -12.83
N LYS D 79 -25.04 -27.89 -13.41
CA LYS D 79 -24.85 -27.69 -14.84
C LYS D 79 -23.37 -27.73 -15.21
N LEU D 80 -22.54 -27.05 -14.40
CA LEU D 80 -21.09 -27.06 -14.67
C LEU D 80 -20.52 -28.46 -14.57
N ALA D 81 -20.99 -29.25 -13.59
CA ALA D 81 -20.52 -30.62 -13.47
C ALA D 81 -20.88 -31.45 -14.69
N SER D 82 -22.12 -31.29 -15.17
CA SER D 82 -22.52 -32.02 -16.38
C SER D 82 -21.68 -31.61 -17.58
N TYR D 83 -21.39 -30.31 -17.72
CA TYR D 83 -20.56 -29.86 -18.84
C TYR D 83 -19.15 -30.43 -18.75
N VAL D 84 -18.56 -30.41 -17.55
CA VAL D 84 -17.22 -30.97 -17.36
C VAL D 84 -17.21 -32.46 -17.69
N ILE D 85 -18.25 -33.18 -17.28
CA ILE D 85 -18.35 -34.59 -17.62
C ILE D 85 -18.40 -34.78 -19.13
N SER D 86 -19.16 -33.94 -19.83
CA SER D 86 -19.24 -34.04 -21.29
C SER D 86 -17.88 -33.86 -21.94
N ILE D 87 -17.17 -32.78 -21.58
CA ILE D 87 -15.88 -32.51 -22.21
C ILE D 87 -14.88 -33.60 -21.84
N LEU D 88 -14.96 -34.13 -20.63
CA LEU D 88 -14.05 -35.21 -20.23
C LEU D 88 -14.35 -36.49 -20.99
N ASP D 89 -15.63 -36.78 -21.23
CA ASP D 89 -15.98 -37.94 -22.04
C ASP D 89 -15.41 -37.82 -23.44
N GLU D 90 -15.56 -36.65 -24.07
CA GLU D 90 -15.04 -36.50 -25.43
C GLU D 90 -13.53 -36.65 -25.48
N LEU D 91 -12.82 -36.27 -24.41
CA LEU D 91 -11.37 -36.43 -24.34
C LEU D 91 -10.93 -37.82 -23.91
N HIS D 92 -11.85 -38.76 -23.84
CA HIS D 92 -11.58 -40.14 -23.41
C HIS D 92 -10.81 -40.19 -22.10
N ILE D 93 -11.28 -39.41 -21.13
CA ILE D 93 -10.86 -39.57 -19.74
C ILE D 93 -11.95 -40.36 -19.03
N ASP D 94 -11.55 -41.45 -18.39
CA ASP D 94 -12.46 -42.31 -17.63
C ASP D 94 -12.56 -41.82 -16.18
N TYR D 95 -11.41 -41.53 -15.58
CA TYR D 95 -11.30 -41.36 -14.15
C TYR D 95 -10.20 -40.34 -13.88
N ALA D 96 -10.44 -39.42 -12.95
CA ALA D 96 -9.49 -38.33 -12.83
C ALA D 96 -9.56 -37.67 -11.46
N THR D 97 -8.48 -36.99 -11.11
CA THR D 97 -8.46 -36.03 -10.01
C THR D 97 -8.98 -34.69 -10.54
N PHE D 98 -9.85 -34.04 -9.78
CA PHE D 98 -10.44 -32.78 -10.18
C PHE D 98 -10.04 -31.67 -9.22
N TRP D 99 -9.49 -30.58 -9.76
CA TRP D 99 -9.25 -29.35 -9.03
C TRP D 99 -10.27 -28.30 -9.46
N GLY D 100 -10.73 -27.50 -8.51
CA GLY D 100 -11.60 -26.39 -8.85
C GLY D 100 -11.60 -25.30 -7.81
N CYS D 101 -11.57 -24.05 -8.24
CA CYS D 101 -11.70 -22.91 -7.34
C CYS D 101 -12.97 -22.13 -7.66
N SER D 102 -13.58 -21.58 -6.62
CA SER D 102 -14.79 -20.76 -6.71
C SER D 102 -15.88 -21.59 -7.37
N SER D 103 -16.50 -21.14 -8.47
CA SER D 103 -17.52 -21.95 -9.12
C SER D 103 -16.96 -23.30 -9.54
N GLY D 104 -15.73 -23.32 -10.04
CA GLY D 104 -15.09 -24.59 -10.34
C GLY D 104 -15.03 -25.49 -9.12
N GLY D 105 -14.70 -24.92 -7.96
CA GLY D 105 -14.75 -25.69 -6.73
C GLY D 105 -16.15 -26.19 -6.45
N ALA D 106 -17.15 -25.32 -6.63
CA ALA D 106 -18.53 -25.77 -6.54
C ALA D 106 -18.76 -26.94 -7.49
N THR D 107 -18.25 -26.81 -8.72
CA THR D 107 -18.35 -27.90 -9.68
C THR D 107 -17.76 -29.18 -9.10
N VAL D 108 -16.56 -29.06 -8.53
CA VAL D 108 -15.90 -30.22 -7.94
C VAL D 108 -16.80 -30.88 -6.92
N LEU D 109 -17.41 -30.07 -6.05
CA LEU D 109 -18.31 -30.64 -5.05
C LEU D 109 -19.46 -31.36 -5.71
N ALA D 110 -20.08 -30.73 -6.72
CA ALA D 110 -21.16 -31.39 -7.43
C ALA D 110 -20.67 -32.66 -8.10
N LEU D 111 -19.42 -32.64 -8.59
CA LEU D 111 -18.88 -33.84 -9.22
C LEU D 111 -18.71 -34.94 -8.18
N ALA D 112 -18.28 -34.56 -6.98
CA ALA D 112 -18.19 -35.55 -5.91
C ALA D 112 -19.57 -36.08 -5.56
N ALA D 113 -20.58 -35.21 -5.59
CA ALA D 113 -21.91 -35.61 -5.12
C ALA D 113 -22.60 -36.50 -6.14
N ASP D 114 -22.50 -36.17 -7.43
CA ASP D 114 -23.34 -36.78 -8.44
C ASP D 114 -22.60 -37.62 -9.47
N TYR D 115 -21.26 -37.54 -9.53
CA TYR D 115 -20.47 -38.38 -10.43
C TYR D 115 -19.32 -39.07 -9.69
N PRO D 116 -19.59 -39.69 -8.55
CA PRO D 116 -18.47 -40.24 -7.75
C PRO D 116 -17.66 -41.27 -8.50
N GLU D 117 -18.29 -41.98 -9.44
CA GLU D 117 -17.62 -42.97 -10.26
C GLU D 117 -16.53 -42.37 -11.16
N ARG D 118 -16.56 -41.05 -11.41
CA ARG D 118 -15.60 -40.44 -12.31
C ARG D 118 -14.40 -39.77 -11.64
N MET D 119 -14.40 -39.56 -10.32
CA MET D 119 -13.29 -38.86 -9.67
C MET D 119 -12.52 -39.79 -8.76
N ARG D 120 -11.22 -39.83 -8.97
CA ARG D 120 -10.31 -40.46 -8.01
C ARG D 120 -10.27 -39.69 -6.70
N ASN D 121 -10.09 -38.37 -6.79
CA ASN D 121 -10.10 -37.50 -5.61
C ASN D 121 -10.36 -36.08 -6.07
N GLY D 122 -10.89 -35.27 -5.16
CA GLY D 122 -11.36 -33.93 -5.48
C GLY D 122 -10.63 -32.88 -4.68
N LEU D 123 -10.39 -31.72 -5.30
CA LEU D 123 -9.74 -30.58 -4.66
C LEU D 123 -10.53 -29.31 -4.92
N PRO D 124 -11.34 -28.85 -3.96
CA PRO D 124 -12.00 -27.54 -4.12
C PRO D 124 -11.34 -26.46 -3.31
N HIS D 125 -11.40 -25.22 -3.80
CA HIS D 125 -10.73 -24.09 -3.18
C HIS D 125 -11.71 -22.93 -3.13
N GLU D 126 -12.02 -22.45 -1.93
CA GLU D 126 -12.81 -21.24 -1.71
C GLU D 126 -14.11 -21.27 -2.52
N VAL D 127 -14.98 -22.19 -2.11
CA VAL D 127 -16.26 -22.38 -2.79
C VAL D 127 -17.26 -21.35 -2.27
N PRO D 128 -17.90 -20.57 -3.15
CA PRO D 128 -18.91 -19.61 -2.68
C PRO D 128 -20.20 -20.31 -2.30
N THR D 129 -20.67 -20.03 -1.07
CA THR D 129 -21.89 -20.63 -0.56
C THR D 129 -22.89 -19.59 -0.03
N ALA D 130 -22.59 -18.30 -0.14
CA ALA D 130 -23.45 -17.25 0.39
C ALA D 130 -23.67 -16.17 -0.66
N ALA D 131 -24.64 -15.27 -0.45
CA ALA D 131 -24.78 -14.15 -1.43
C ALA D 131 -23.76 -13.05 -1.16
N GLY D 132 -23.13 -12.52 -2.20
CA GLY D 132 -22.12 -11.45 -2.05
C GLY D 132 -21.03 -11.86 -1.07
N PRO D 133 -20.36 -13.01 -1.26
CA PRO D 133 -19.31 -13.47 -0.34
C PRO D 133 -18.24 -12.39 -0.10
N HIS D 134 -17.73 -11.78 -1.17
CA HIS D 134 -16.68 -10.73 -1.07
C HIS D 134 -17.12 -9.66 -0.06
N PHE D 135 -16.25 -9.15 0.81
CA PHE D 135 -16.75 -8.13 1.79
C PHE D 135 -17.24 -6.82 1.12
N GLY D 136 -16.30 -6.14 0.47
CA GLY D 136 -16.51 -4.80 -0.13
C GLY D 136 -17.57 -4.67 -1.20
N GLN D 137 -17.48 -5.44 -2.29
CA GLN D 137 -18.39 -5.16 -3.43
C GLN D 137 -19.45 -6.28 -3.57
N LEU D 138 -20.72 -5.90 -3.78
CA LEU D 138 -21.76 -6.95 -3.85
C LEU D 138 -21.83 -7.51 -5.27
N LEU D 139 -21.18 -8.65 -5.51
CA LEU D 139 -21.18 -9.28 -6.82
C LEU D 139 -22.60 -9.45 -7.35
N LYS D 140 -23.53 -9.74 -6.45
CA LYS D 140 -24.93 -9.96 -6.80
C LYS D 140 -25.59 -8.72 -7.40
N LEU D 141 -24.90 -7.58 -7.38
CA LEU D 141 -25.40 -6.35 -7.98
C LEU D 141 -24.76 -6.01 -9.31
N ALA D 142 -23.59 -6.58 -9.61
CA ALA D 142 -22.84 -6.18 -10.79
C ALA D 142 -23.66 -6.29 -12.07
N GLU D 143 -24.65 -7.18 -12.08
CA GLU D 143 -25.46 -7.39 -13.28
C GLU D 143 -26.23 -6.15 -13.71
N MET D 144 -26.50 -5.22 -12.80
CA MET D 144 -27.29 -4.05 -13.19
C MET D 144 -26.49 -3.05 -14.01
N GLU D 145 -25.17 -3.13 -13.96
CA GLU D 145 -24.34 -2.15 -14.65
C GLU D 145 -24.14 -2.54 -16.11
N ASP D 146 -23.67 -1.59 -16.90
CA ASP D 146 -23.34 -1.85 -18.28
C ASP D 146 -22.00 -2.58 -18.38
N GLU D 147 -21.80 -3.25 -19.51
CA GLU D 147 -20.68 -4.18 -19.65
C GLU D 147 -19.34 -3.52 -19.36
N ALA D 148 -19.07 -2.36 -19.96
CA ALA D 148 -17.77 -1.73 -19.77
C ALA D 148 -17.50 -1.47 -18.30
N ILE D 149 -18.47 -0.92 -17.58
CA ILE D 149 -18.24 -0.59 -16.18
C ILE D 149 -18.19 -1.85 -15.32
N VAL D 150 -18.89 -2.92 -15.72
CA VAL D 150 -18.75 -4.20 -15.02
C VAL D 150 -17.33 -4.73 -15.16
N LYS D 151 -16.84 -4.80 -16.40
CA LYS D 151 -15.47 -5.26 -16.62
C LYS D 151 -14.48 -4.39 -15.89
N MET D 152 -14.81 -3.11 -15.70
CA MET D 152 -13.82 -2.25 -15.09
C MET D 152 -13.85 -2.36 -13.57
N LEU D 153 -15.02 -2.64 -13.04
CA LEU D 153 -15.13 -2.90 -11.61
C LEU D 153 -14.40 -4.23 -11.34
N GLY D 154 -14.52 -5.18 -12.25
CA GLY D 154 -13.86 -6.48 -12.12
C GLY D 154 -12.34 -6.42 -12.29
N GLU D 155 -11.86 -6.07 -13.48
CA GLU D 155 -10.41 -6.12 -13.78
C GLU D 155 -9.73 -5.19 -12.81
N GLU D 156 -10.47 -4.21 -12.36
CA GLU D 156 -9.81 -3.30 -11.41
C GLU D 156 -9.73 -3.85 -9.98
N MET D 157 -10.65 -4.75 -9.55
CA MET D 157 -10.60 -5.21 -8.14
C MET D 157 -9.80 -6.48 -7.84
N PRO D 158 -9.97 -7.76 -8.53
CA PRO D 158 -9.31 -9.27 -8.61
C PRO D 158 -7.86 -9.12 -8.22
N LYS D 159 -7.11 -8.26 -8.82
CA LYS D 159 -5.66 -8.10 -8.56
C LYS D 159 -5.36 -8.00 -7.05
N LEU D 160 -5.82 -6.98 -6.38
CA LEU D 160 -5.67 -6.87 -4.93
C LEU D 160 -6.80 -7.55 -4.18
N GLY D 161 -7.94 -7.75 -4.82
CA GLY D 161 -9.04 -8.42 -4.16
C GLY D 161 -8.89 -9.94 -4.13
N PHE D 162 -8.27 -10.52 -5.17
CA PHE D 162 -8.32 -11.96 -5.41
C PHE D 162 -6.95 -12.64 -5.58
N GLY D 163 -5.91 -11.94 -6.05
CA GLY D 163 -4.61 -12.58 -6.20
C GLY D 163 -3.51 -12.13 -5.25
N HIS D 164 -3.44 -10.81 -5.10
CA HIS D 164 -2.34 -10.05 -4.47
C HIS D 164 -0.97 -10.56 -4.90
N ASP D 165 -0.80 -10.83 -6.18
CA ASP D 165 0.52 -10.99 -6.80
C ASP D 165 0.29 -10.36 -8.17
N PHE D 166 0.48 -9.05 -8.22
CA PHE D 166 0.11 -8.29 -9.40
C PHE D 166 0.97 -8.68 -10.58
N THR D 167 2.26 -8.89 -10.33
CA THR D 167 3.16 -9.29 -11.39
C THR D 167 2.77 -10.66 -11.92
N ALA D 168 2.30 -11.55 -11.04
CA ALA D 168 1.80 -12.85 -11.50
C ALA D 168 0.47 -12.69 -12.21
N TRP D 169 -0.45 -11.91 -11.62
CA TRP D 169 -1.76 -11.72 -12.22
C TRP D 169 -1.67 -11.29 -13.68
N HIS D 170 -0.85 -10.30 -14.01
CA HIS D 170 -0.78 -9.95 -15.41
C HIS D 170 0.24 -10.73 -16.20
N GLU D 171 1.19 -11.43 -15.56
CA GLU D 171 1.94 -12.22 -16.53
C GLU D 171 1.08 -13.22 -17.28
N LEU D 172 -0.19 -13.36 -16.91
CA LEU D 172 -1.09 -14.17 -17.72
C LEU D 172 -0.99 -13.78 -19.19
N GLY D 173 -0.58 -12.56 -19.48
CA GLY D 173 -0.39 -12.17 -20.86
C GLY D 173 -1.54 -11.37 -21.42
N GLU D 174 -1.33 -10.85 -22.62
CA GLU D 174 -2.27 -9.90 -23.21
C GLU D 174 -3.54 -10.57 -23.69
N GLU D 175 -3.41 -11.71 -24.36
CA GLU D 175 -4.60 -12.38 -24.89
C GLU D 175 -5.52 -12.85 -23.78
N ALA D 176 -4.93 -13.36 -22.70
CA ALA D 176 -5.73 -13.87 -21.59
C ALA D 176 -6.54 -12.74 -20.97
N HIS D 177 -5.91 -11.59 -20.72
CA HIS D 177 -6.66 -10.47 -20.18
C HIS D 177 -7.67 -9.94 -21.18
N ALA D 178 -7.36 -10.00 -22.48
CA ALA D 178 -8.31 -9.57 -23.50
C ALA D 178 -9.57 -10.41 -23.45
N ARG D 179 -9.41 -11.72 -23.26
CA ARG D 179 -10.57 -12.59 -23.13
C ARG D 179 -11.30 -12.35 -21.80
N MET D 180 -10.54 -12.16 -20.71
CA MET D 180 -11.15 -12.01 -19.39
C MET D 180 -12.01 -10.75 -19.31
N ARG D 181 -11.55 -9.67 -19.95
CA ARG D 181 -12.35 -8.44 -20.05
C ARG D 181 -13.76 -8.76 -20.52
N LYS D 182 -13.87 -9.40 -21.70
CA LYS D 182 -15.18 -9.76 -22.23
C LYS D 182 -15.86 -10.85 -21.41
N ASN D 183 -15.10 -11.62 -20.63
CA ASN D 183 -15.72 -12.65 -19.79
C ASN D 183 -16.53 -12.04 -18.65
N TYR D 184 -16.06 -10.90 -18.11
CA TYR D 184 -16.67 -10.26 -16.93
C TYR D 184 -18.17 -10.06 -16.96
N PRO D 185 -18.76 -9.42 -17.98
CA PRO D 185 -20.20 -9.18 -17.90
C PRO D 185 -20.97 -10.48 -17.96
N ARG D 186 -20.47 -11.43 -18.74
CA ARG D 186 -21.09 -12.75 -18.78
C ARG D 186 -21.01 -13.43 -17.42
N TRP D 187 -19.85 -13.36 -16.75
CA TRP D 187 -19.75 -13.93 -15.40
C TRP D 187 -20.73 -13.25 -14.45
N ALA D 188 -20.78 -11.92 -14.47
CA ALA D 188 -21.64 -11.11 -13.58
C ALA D 188 -23.13 -11.40 -13.84
N ARG D 189 -23.47 -11.60 -15.09
CA ARG D 189 -24.87 -11.87 -15.42
C ARG D 189 -25.19 -13.31 -15.05
N GLY D 190 -24.25 -14.20 -15.28
CA GLY D 190 -24.50 -15.62 -15.07
C GLY D 190 -23.89 -16.25 -13.84
N TYR D 191 -22.76 -15.80 -13.29
CA TYR D 191 -22.22 -16.63 -12.18
C TYR D 191 -22.62 -16.20 -10.76
N PRO D 192 -22.56 -14.92 -10.08
CA PRO D 192 -23.02 -14.36 -8.53
C PRO D 192 -24.45 -14.67 -8.03
N HIS D 193 -25.47 -14.58 -8.88
CA HIS D 193 -26.87 -14.82 -8.46
C HIS D 193 -27.17 -16.30 -8.17
N THR D 194 -26.68 -17.23 -8.98
CA THR D 194 -27.14 -18.64 -8.87
C THR D 194 -26.14 -19.65 -8.32
N LEU D 195 -24.83 -19.40 -8.42
CA LEU D 195 -23.86 -20.41 -8.00
C LEU D 195 -23.87 -20.66 -6.49
N PRO D 196 -23.84 -19.64 -5.62
CA PRO D 196 -23.69 -19.92 -4.18
C PRO D 196 -24.69 -20.91 -3.60
N LEU D 197 -25.95 -20.85 -4.02
CA LEU D 197 -26.98 -21.72 -3.44
C LEU D 197 -26.87 -23.17 -3.90
N SER D 198 -26.08 -23.46 -4.93
CA SER D 198 -26.08 -24.77 -5.57
C SER D 198 -24.95 -25.68 -5.13
N SER D 199 -23.99 -25.19 -4.35
CA SER D 199 -22.89 -26.04 -3.89
C SER D 199 -23.40 -27.12 -2.95
N PRO D 200 -23.26 -28.42 -3.30
CA PRO D 200 -23.71 -29.48 -2.39
C PRO D 200 -22.76 -29.67 -1.21
N THR D 201 -23.17 -29.19 -0.04
CA THR D 201 -22.33 -29.22 1.15
C THR D 201 -22.84 -30.16 2.22
N GLY D 202 -23.80 -31.04 1.90
CA GLY D 202 -24.24 -32.02 2.86
C GLY D 202 -23.14 -33.00 3.20
N LYS D 203 -23.17 -33.51 4.44
CA LYS D 203 -22.14 -34.41 4.93
C LYS D 203 -21.96 -35.61 4.02
N GLU D 204 -23.05 -36.28 3.67
CA GLU D 204 -22.94 -37.51 2.87
C GLU D 204 -22.36 -37.23 1.49
N ASP D 205 -22.71 -36.09 0.89
CA ASP D 205 -22.17 -35.76 -0.42
C ASP D 205 -20.68 -35.48 -0.36
N LEU D 206 -20.24 -34.73 0.65
CA LEU D 206 -18.82 -34.40 0.79
C LEU D 206 -17.97 -35.64 1.08
N ILE D 207 -18.58 -36.72 1.56
CA ILE D 207 -17.86 -37.91 2.00
C ILE D 207 -17.81 -38.98 0.90
N LYS D 208 -18.52 -38.77 -0.22
CA LYS D 208 -18.61 -39.82 -1.24
C LYS D 208 -17.25 -40.19 -1.81
N ARG D 209 -16.36 -39.20 -1.95
CA ARG D 209 -15.04 -39.43 -2.53
C ARG D 209 -14.00 -38.68 -1.73
N PRO D 210 -12.73 -39.07 -1.82
CA PRO D 210 -11.66 -38.34 -1.12
C PRO D 210 -11.67 -36.87 -1.51
N LEU D 211 -11.60 -36.00 -0.50
CA LEU D 211 -11.79 -34.57 -0.69
C LEU D 211 -10.79 -33.81 0.18
N ASP D 212 -10.01 -32.93 -0.46
CA ASP D 212 -9.12 -32.02 0.26
C ASP D 212 -9.59 -30.60 -0.05
N TRP D 213 -10.15 -29.94 0.96
CA TRP D 213 -10.71 -28.60 0.83
C TRP D 213 -9.68 -27.57 1.28
N THR D 214 -9.41 -26.57 0.44
CA THR D 214 -8.39 -25.59 0.74
C THR D 214 -8.94 -24.18 0.68
N VAL D 215 -8.24 -23.27 1.35
CA VAL D 215 -8.56 -21.85 1.38
C VAL D 215 -7.24 -21.09 1.22
N GLY D 216 -7.30 -19.93 0.58
CA GLY D 216 -6.09 -19.14 0.43
C GLY D 216 -5.49 -18.71 1.75
N GLY D 217 -4.19 -18.95 1.92
CA GLY D 217 -3.51 -18.56 3.15
C GLY D 217 -3.66 -17.07 3.46
N ASP D 218 -3.66 -16.24 2.42
CA ASP D 218 -3.70 -14.79 2.58
C ASP D 218 -5.09 -14.20 2.41
N THR D 219 -6.09 -15.04 2.18
CA THR D 219 -7.47 -14.58 2.13
C THR D 219 -7.91 -14.07 3.51
N PRO D 220 -8.66 -12.98 3.58
CA PRO D 220 -9.26 -12.58 4.85
C PRO D 220 -10.13 -13.70 5.40
N THR D 221 -10.03 -13.92 6.72
CA THR D 221 -10.63 -15.11 7.34
C THR D 221 -12.12 -15.22 7.06
N ARG D 222 -12.81 -14.08 7.02
CA ARG D 222 -14.27 -14.12 6.96
C ARG D 222 -14.77 -14.52 5.57
N MET D 223 -13.97 -14.28 4.52
CA MET D 223 -14.45 -14.49 3.15
C MET D 223 -14.93 -15.93 2.95
N PHE D 224 -14.13 -16.91 3.35
CA PHE D 224 -14.46 -18.31 3.18
C PHE D 224 -14.41 -19.07 4.50
N PHE D 225 -14.74 -18.34 5.58
CA PHE D 225 -14.91 -18.91 6.91
C PHE D 225 -15.84 -20.12 6.90
N ASP D 226 -16.98 -19.98 6.21
CA ASP D 226 -17.95 -21.06 6.15
C ASP D 226 -17.36 -22.34 5.59
N ASN D 227 -16.45 -22.21 4.62
CA ASN D 227 -15.76 -23.39 4.08
C ASN D 227 -15.06 -24.16 5.20
N ILE D 228 -14.30 -23.44 6.02
CA ILE D 228 -13.55 -24.08 7.11
C ILE D 228 -14.50 -24.75 8.07
N VAL D 229 -15.54 -24.03 8.51
CA VAL D 229 -16.46 -24.60 9.50
C VAL D 229 -17.13 -25.86 8.94
N THR D 230 -17.62 -25.79 7.70
CA THR D 230 -18.32 -26.92 7.10
C THR D 230 -17.40 -28.12 6.94
N ALA D 231 -16.22 -27.91 6.35
CA ALA D 231 -15.30 -29.01 6.10
C ALA D 231 -14.84 -29.66 7.40
N SER D 232 -14.49 -28.85 8.40
CA SER D 232 -14.00 -29.42 9.65
C SER D 232 -15.11 -30.14 10.41
N LYS D 233 -16.33 -29.61 10.37
CA LYS D 233 -17.43 -30.31 11.05
C LYS D 233 -17.74 -31.64 10.39
N ALA D 234 -17.61 -31.73 9.06
CA ALA D 234 -17.85 -32.97 8.34
C ALA D 234 -16.68 -33.95 8.43
N GLY D 235 -15.54 -33.52 8.99
CA GLY D 235 -14.37 -34.38 9.02
C GLY D 235 -13.54 -34.35 7.76
N ILE D 236 -13.74 -33.35 6.92
CA ILE D 236 -12.99 -33.25 5.66
C ILE D 236 -11.64 -32.60 5.94
N PRO D 237 -10.54 -33.15 5.41
CA PRO D 237 -9.24 -32.48 5.57
C PRO D 237 -9.29 -31.07 4.97
N ILE D 238 -9.10 -30.09 5.83
CA ILE D 238 -9.12 -28.71 5.41
C ILE D 238 -7.81 -28.06 5.84
N ALA D 239 -7.22 -27.35 4.91
CA ALA D 239 -5.96 -26.66 5.12
C ALA D 239 -5.97 -25.47 4.17
N THR D 240 -4.97 -24.60 4.32
CA THR D 240 -4.73 -23.48 3.43
C THR D 240 -3.45 -23.70 2.62
N LEU D 241 -3.43 -23.12 1.44
CA LEU D 241 -2.26 -23.16 0.61
C LEU D 241 -1.95 -21.72 0.21
N PRO D 242 -0.69 -21.42 -0.09
CA PRO D 242 -0.28 -20.04 -0.34
C PRO D 242 -1.09 -19.37 -1.44
N GLY D 243 -1.34 -18.08 -1.27
CA GLY D 243 -2.14 -17.31 -2.19
C GLY D 243 -3.46 -16.90 -1.58
N MET D 244 -4.41 -16.52 -2.45
CA MET D 244 -5.75 -16.07 -1.99
C MET D 244 -6.82 -16.85 -2.77
N HIS D 245 -7.34 -16.24 -3.84
CA HIS D 245 -8.38 -16.87 -4.66
C HIS D 245 -7.82 -17.54 -5.92
N PHE D 246 -6.66 -17.11 -6.41
CA PHE D 246 -6.03 -17.71 -7.58
C PHE D 246 -4.65 -18.23 -7.18
N PRO D 247 -4.60 -19.29 -6.37
CA PRO D 247 -3.29 -19.83 -5.96
C PRO D 247 -2.44 -20.31 -7.11
N TYR D 248 -3.06 -20.84 -8.17
CA TYR D 248 -2.31 -21.29 -9.33
C TYR D 248 -1.65 -20.15 -10.09
N VAL D 249 -2.16 -18.93 -9.93
CA VAL D 249 -1.56 -17.76 -10.57
C VAL D 249 -0.48 -17.18 -9.65
N SER D 250 -0.88 -16.84 -8.42
CA SER D 250 0.03 -16.14 -7.51
C SER D 250 1.15 -17.03 -7.02
N HIS D 251 0.90 -18.33 -6.86
CA HIS D 251 1.87 -19.25 -6.25
C HIS D 251 1.86 -20.57 -7.00
N PRO D 252 2.32 -20.58 -8.24
CA PRO D 252 2.22 -21.81 -9.05
C PRO D 252 2.95 -23.02 -8.46
N GLU D 253 4.15 -22.82 -7.91
CA GLU D 253 4.94 -23.96 -7.43
C GLU D 253 4.29 -24.66 -6.25
N VAL D 254 3.83 -23.89 -5.25
CA VAL D 254 3.20 -24.55 -4.11
C VAL D 254 1.85 -25.14 -4.53
N LEU D 255 1.17 -24.50 -5.49
CA LEU D 255 -0.07 -25.08 -6.01
C LEU D 255 0.18 -26.45 -6.63
N VAL D 256 1.24 -26.57 -7.44
CA VAL D 256 1.52 -27.85 -8.07
C VAL D 256 1.98 -28.86 -7.03
N LYS D 257 2.75 -28.41 -6.04
CA LYS D 257 3.13 -29.30 -4.95
C LYS D 257 1.90 -29.86 -4.24
N HIS D 258 0.93 -29.00 -3.96
CA HIS D 258 -0.29 -29.46 -3.29
C HIS D 258 -1.07 -30.43 -4.15
N ILE D 259 -1.30 -30.06 -5.42
CA ILE D 259 -2.02 -30.96 -6.34
C ILE D 259 -1.34 -32.32 -6.38
N VAL D 260 -0.02 -32.34 -6.61
CA VAL D 260 0.70 -33.59 -6.76
C VAL D 260 0.66 -34.39 -5.47
N ASP D 261 0.96 -33.74 -4.33
CA ASP D 261 1.00 -34.43 -3.05
C ASP D 261 -0.34 -35.07 -2.72
N THR D 262 -1.44 -34.33 -2.90
CA THR D 262 -2.76 -34.88 -2.59
C THR D 262 -3.14 -35.99 -3.56
N THR D 263 -2.94 -35.75 -4.87
CA THR D 263 -3.26 -36.77 -5.86
C THR D 263 -2.49 -38.06 -5.60
N ARG D 264 -1.25 -37.94 -5.12
CA ARG D 264 -0.41 -39.10 -4.91
C ARG D 264 -0.95 -40.03 -3.82
N LYS D 265 -1.73 -39.52 -2.88
CA LYS D 265 -2.30 -40.37 -1.84
C LYS D 265 -3.45 -41.25 -2.33
N TYR D 266 -3.94 -41.06 -3.56
CA TYR D 266 -5.16 -41.73 -3.96
C TYR D 266 -5.11 -42.44 -5.31
N LEU D 267 -3.93 -42.72 -5.86
CA LEU D 267 -3.93 -43.45 -7.12
C LEU D 267 -4.46 -44.88 -7.00
#